data_3RFT
#
_entry.id   3RFT
#
_cell.length_a   164.650
_cell.length_b   164.650
_cell.length_c   174.830
_cell.angle_alpha   90.00
_cell.angle_beta   90.00
_cell.angle_gamma   120.00
#
_symmetry.space_group_name_H-M   'P 62 2 2'
#
loop_
_entity.id
_entity.type
_entity.pdbx_description
1 polymer 'Uronate dehydrogenase'
2 non-polymer 'SULFATE ION'
3 water water
#
_entity_poly.entity_id   1
_entity_poly.type   'polypeptide(L)'
_entity_poly.pdbx_seq_one_letter_code
;MAMKRLLVTGAAGQLGRVMRERLAPMAEILRLADLSPLDPAGPNEECVQCDLADANAVNAMVAGCDGIVHLGGISVEKPF
EQILQGNIIGLYNLYEAARAHGQPRIVFASSNHTIGYYPQTERLGPDVPARPDGLYGVSKCFGENLARMYFDKFGQETAL
VRIGSCTPEPNNYRMLSTWFSHDDFVSLIEAVFRAPVLGCPVVWGASANDAGWWDNSHLGFLGWKPKDNAEAFRRHITET
TPPPDPNDALVRFQGGTFVDNPIFKQS
;
_entity_poly.pdbx_strand_id   A,B,C
#
loop_
_chem_comp.id
_chem_comp.type
_chem_comp.name
_chem_comp.formula
SO4 non-polymer 'SULFATE ION' 'O4 S -2'
#
# COMPACT_ATOMS: atom_id res chain seq x y z
N MET A 1 16.73 -30.95 4.31
CA MET A 1 17.58 -29.92 3.73
C MET A 1 16.75 -28.75 3.21
N ALA A 2 17.41 -27.84 2.52
CA ALA A 2 16.75 -26.74 1.85
C ALA A 2 17.01 -26.84 0.34
N MET A 3 18.04 -27.60 -0.02
CA MET A 3 18.46 -27.71 -1.41
C MET A 3 19.50 -28.82 -1.60
N LYS A 4 19.75 -29.18 -2.84
CA LYS A 4 20.72 -30.24 -3.12
C LYS A 4 22.16 -29.77 -2.89
N ARG A 5 22.52 -28.64 -3.48
CA ARG A 5 23.88 -28.14 -3.36
C ARG A 5 23.94 -26.63 -3.07
N LEU A 6 24.61 -26.28 -1.97
CA LEU A 6 24.81 -24.88 -1.61
C LEU A 6 26.29 -24.51 -1.77
N LEU A 7 26.55 -23.43 -2.49
CA LEU A 7 27.91 -22.90 -2.60
C LEU A 7 28.18 -21.85 -1.52
N VAL A 8 29.31 -21.98 -0.84
CA VAL A 8 29.81 -20.93 0.04
C VAL A 8 31.19 -20.50 -0.46
N THR A 9 31.28 -19.27 -0.96
CA THR A 9 32.58 -18.73 -1.36
C THR A 9 33.26 -18.06 -0.16
N GLY A 10 34.54 -17.73 -0.30
CA GLY A 10 35.32 -17.21 0.83
C GLY A 10 35.37 -18.16 2.01
N ALA A 11 35.33 -19.45 1.72
CA ALA A 11 35.18 -20.45 2.79
C ALA A 11 36.44 -20.68 3.63
N ALA A 12 37.57 -20.13 3.21
CA ALA A 12 38.81 -20.25 3.99
C ALA A 12 38.93 -19.17 5.06
N GLY A 13 38.17 -18.09 4.91
CA GLY A 13 38.23 -16.97 5.84
C GLY A 13 37.55 -17.31 7.15
N GLN A 14 37.67 -16.42 8.13
CA GLN A 14 37.10 -16.68 9.46
C GLN A 14 35.59 -16.94 9.43
N LEU A 15 34.85 -16.09 8.73
CA LEU A 15 33.39 -16.25 8.65
C LEU A 15 33.03 -17.46 7.78
N GLY A 16 33.77 -17.65 6.71
CA GLY A 16 33.58 -18.81 5.85
C GLY A 16 33.76 -20.12 6.59
N ARG A 17 34.76 -20.18 7.46
CA ARG A 17 34.99 -21.39 8.26
C ARG A 17 33.83 -21.65 9.20
N VAL A 18 33.25 -20.58 9.75
CA VAL A 18 32.05 -20.71 10.57
C VAL A 18 30.88 -21.24 9.74
N MET A 19 30.69 -20.69 8.54
CA MET A 19 29.54 -21.07 7.72
C MET A 19 29.69 -22.48 7.16
N ARG A 20 30.93 -22.91 6.96
CA ARG A 20 31.18 -24.27 6.49
C ARG A 20 30.56 -25.27 7.45
N GLU A 21 30.62 -24.96 8.73
CA GLU A 21 30.02 -25.81 9.77
C GLU A 21 28.52 -25.53 9.93
N ARG A 22 28.15 -24.26 10.06
CA ARG A 22 26.78 -23.92 10.41
C ARG A 22 25.75 -24.14 9.29
N LEU A 23 26.19 -24.06 8.03
CA LEU A 23 25.25 -24.16 6.92
C LEU A 23 25.13 -25.58 6.35
N ALA A 24 25.96 -26.51 6.84
CA ALA A 24 25.93 -27.89 6.39
C ALA A 24 24.52 -28.49 6.36
N PRO A 25 23.72 -28.26 7.41
CA PRO A 25 22.36 -28.80 7.45
C PRO A 25 21.42 -28.29 6.36
N MET A 26 21.80 -27.23 5.64
CA MET A 26 20.91 -26.62 4.67
C MET A 26 20.91 -27.30 3.30
N ALA A 27 21.90 -28.15 3.05
CA ALA A 27 22.03 -28.78 1.75
C ALA A 27 22.55 -30.22 1.87
N GLU A 28 22.22 -31.04 0.87
CA GLU A 28 22.75 -32.41 0.81
C GLU A 28 24.25 -32.37 0.56
N ILE A 29 24.68 -31.40 -0.24
CA ILE A 29 26.09 -31.23 -0.56
C ILE A 29 26.48 -29.77 -0.33
N LEU A 30 27.54 -29.56 0.45
CA LEU A 30 28.05 -28.20 0.62
C LEU A 30 29.31 -28.05 -0.21
N ARG A 31 29.29 -27.12 -1.17
CA ARG A 31 30.46 -26.81 -1.94
C ARG A 31 31.16 -25.58 -1.38
N LEU A 32 32.42 -25.75 -0.96
CA LEU A 32 33.21 -24.67 -0.39
C LEU A 32 34.24 -24.20 -1.40
N ALA A 33 34.41 -22.89 -1.51
CA ALA A 33 35.35 -22.33 -2.48
C ALA A 33 36.12 -21.15 -1.93
N ASP A 34 37.35 -20.99 -2.40
CA ASP A 34 38.18 -19.87 -1.97
C ASP A 34 39.39 -19.77 -2.87
N LEU A 35 40.01 -18.59 -2.90
CA LEU A 35 41.26 -18.41 -3.63
C LEU A 35 42.37 -19.16 -2.87
N SER A 36 42.24 -19.19 -1.55
CA SER A 36 43.23 -19.82 -0.68
C SER A 36 42.93 -21.31 -0.47
N PRO A 37 43.96 -22.08 -0.12
CA PRO A 37 43.78 -23.51 0.12
C PRO A 37 42.71 -23.75 1.17
N LEU A 38 41.91 -24.80 0.98
CA LEU A 38 40.90 -25.20 1.94
C LEU A 38 41.26 -26.53 2.58
N ASP A 39 40.88 -26.71 3.84
CA ASP A 39 40.93 -28.03 4.45
C ASP A 39 40.13 -28.96 3.54
N PRO A 40 40.63 -30.19 3.35
CA PRO A 40 40.04 -31.15 2.42
C PRO A 40 38.56 -31.43 2.67
N ALA A 41 37.83 -31.77 1.61
CA ALA A 41 36.41 -32.08 1.70
C ALA A 41 36.16 -33.32 2.55
N GLY A 42 35.22 -33.19 3.48
CA GLY A 42 34.75 -34.32 4.24
C GLY A 42 33.53 -34.91 3.55
N PRO A 43 32.83 -35.82 4.22
CA PRO A 43 31.62 -36.36 3.61
C PRO A 43 30.62 -35.23 3.40
N ASN A 44 29.89 -35.28 2.28
CA ASN A 44 28.88 -34.28 1.97
C ASN A 44 29.48 -32.92 1.63
N GLU A 45 30.78 -32.89 1.33
CA GLU A 45 31.45 -31.65 0.95
C GLU A 45 32.17 -31.74 -0.39
N GLU A 46 32.27 -30.60 -1.06
CA GLU A 46 33.11 -30.45 -2.23
C GLU A 46 33.96 -29.23 -1.99
N CYS A 47 35.25 -29.29 -2.33
CA CYS A 47 36.12 -28.13 -2.12
C CYS A 47 36.72 -27.67 -3.44
N VAL A 48 36.71 -26.36 -3.66
CA VAL A 48 37.13 -25.80 -4.92
C VAL A 48 38.10 -24.65 -4.70
N GLN A 49 39.19 -24.66 -5.46
CA GLN A 49 40.16 -23.57 -5.43
C GLN A 49 39.95 -22.72 -6.68
N CYS A 50 39.56 -21.47 -6.49
CA CYS A 50 39.07 -20.65 -7.59
C CYS A 50 39.45 -19.20 -7.40
N ASP A 51 39.99 -18.58 -8.45
CA ASP A 51 40.20 -17.14 -8.46
C ASP A 51 38.94 -16.49 -9.01
N LEU A 52 38.29 -15.64 -8.23
CA LEU A 52 37.05 -15.01 -8.69
C LEU A 52 37.26 -14.20 -9.96
N ALA A 53 38.49 -13.80 -10.24
CA ALA A 53 38.77 -13.03 -11.45
C ALA A 53 38.82 -13.90 -12.72
N ASP A 54 38.80 -15.22 -12.51
CA ASP A 54 38.88 -16.20 -13.61
C ASP A 54 37.46 -16.65 -13.98
N ALA A 55 36.94 -16.10 -15.08
CA ALA A 55 35.53 -16.33 -15.45
C ALA A 55 35.19 -17.80 -15.67
N ASN A 56 36.09 -18.54 -16.31
CA ASN A 56 35.85 -19.96 -16.56
C ASN A 56 35.81 -20.76 -15.26
N ALA A 57 36.75 -20.48 -14.36
CA ALA A 57 36.76 -21.15 -13.08
C ALA A 57 35.49 -20.81 -12.29
N VAL A 58 35.08 -19.54 -12.35
CA VAL A 58 33.87 -19.13 -11.65
C VAL A 58 32.64 -19.83 -12.23
N ASN A 59 32.56 -19.91 -13.55
CA ASN A 59 31.48 -20.66 -14.18
C ASN A 59 31.40 -22.10 -13.65
N ALA A 60 32.54 -22.77 -13.55
CA ALA A 60 32.57 -24.14 -13.07
C ALA A 60 32.23 -24.23 -11.58
N MET A 61 32.66 -23.23 -10.82
CA MET A 61 32.38 -23.19 -9.39
C MET A 61 30.87 -23.14 -9.12
N VAL A 62 30.16 -22.35 -9.92
CA VAL A 62 28.73 -22.12 -9.71
C VAL A 62 27.86 -23.22 -10.30
N ALA A 63 28.28 -23.80 -11.42
CA ALA A 63 27.48 -24.84 -12.08
C ALA A 63 27.08 -25.94 -11.11
N GLY A 64 25.80 -26.27 -11.08
CA GLY A 64 25.28 -27.33 -10.22
C GLY A 64 24.84 -26.88 -8.85
N CYS A 65 24.99 -25.59 -8.54
CA CYS A 65 24.59 -25.08 -7.23
C CYS A 65 23.19 -24.46 -7.25
N ASP A 66 22.43 -24.77 -6.21
CA ASP A 66 21.05 -24.31 -6.11
C ASP A 66 20.95 -23.00 -5.33
N GLY A 67 22.05 -22.59 -4.70
CA GLY A 67 22.08 -21.36 -3.94
C GLY A 67 23.52 -20.98 -3.65
N ILE A 68 23.75 -19.71 -3.40
CA ILE A 68 25.10 -19.21 -3.16
C ILE A 68 25.13 -18.27 -1.96
N VAL A 69 26.09 -18.49 -1.06
CA VAL A 69 26.39 -17.52 -0.01
C VAL A 69 27.75 -16.93 -0.37
N HIS A 70 27.76 -15.71 -0.87
CA HIS A 70 28.98 -15.13 -1.43
C HIS A 70 29.78 -14.32 -0.40
N LEU A 71 30.73 -14.96 0.26
CA LEU A 71 31.58 -14.30 1.26
C LEU A 71 32.96 -13.95 0.71
N GLY A 72 33.29 -14.51 -0.45
CA GLY A 72 34.63 -14.39 -0.98
C GLY A 72 35.00 -13.04 -1.58
N GLY A 73 36.29 -12.86 -1.83
CA GLY A 73 36.79 -11.60 -2.35
C GLY A 73 37.68 -10.93 -1.33
N ILE A 74 37.81 -9.61 -1.42
CA ILE A 74 38.64 -8.85 -0.49
C ILE A 74 37.73 -8.38 0.65
N SER A 75 38.17 -8.52 1.89
CA SER A 75 37.25 -8.27 3.00
C SER A 75 37.58 -7.03 3.85
N VAL A 76 38.67 -6.35 3.53
CA VAL A 76 39.06 -5.13 4.24
C VAL A 76 39.59 -4.10 3.24
N GLU A 77 39.95 -2.92 3.71
CA GLU A 77 40.50 -1.91 2.80
C GLU A 77 41.87 -2.37 2.30
N LYS A 78 42.05 -2.33 0.98
CA LYS A 78 43.29 -2.79 0.35
C LYS A 78 43.51 -1.96 -0.89
N PRO A 79 44.66 -2.14 -1.57
CA PRO A 79 44.89 -1.35 -2.78
C PRO A 79 43.89 -1.69 -3.88
N PHE A 80 43.69 -0.74 -4.79
CA PHE A 80 42.66 -0.86 -5.82
C PHE A 80 42.80 -2.14 -6.66
N GLU A 81 44.03 -2.46 -7.04
CA GLU A 81 44.27 -3.64 -7.88
C GLU A 81 43.65 -4.91 -7.29
N GLN A 82 43.80 -5.11 -5.99
CA GLN A 82 43.27 -6.32 -5.34
C GLN A 82 41.75 -6.27 -5.26
N ILE A 83 41.22 -5.11 -4.93
CA ILE A 83 39.77 -4.94 -4.81
C ILE A 83 39.10 -5.10 -6.18
N LEU A 84 39.74 -4.57 -7.20
CA LEU A 84 39.26 -4.71 -8.57
C LEU A 84 39.07 -6.17 -8.96
N GLN A 85 40.10 -6.98 -8.70
CA GLN A 85 40.04 -8.41 -9.04
C GLN A 85 38.99 -9.18 -8.25
N GLY A 86 38.97 -9.00 -6.94
CA GLY A 86 38.13 -9.82 -6.08
C GLY A 86 36.67 -9.40 -6.00
N ASN A 87 36.42 -8.09 -6.07
CA ASN A 87 35.11 -7.53 -5.73
C ASN A 87 34.39 -6.84 -6.88
N ILE A 88 35.13 -6.57 -7.95
CA ILE A 88 34.52 -5.90 -9.10
C ILE A 88 34.48 -6.89 -10.27
N ILE A 89 35.64 -7.25 -10.80
CA ILE A 89 35.69 -8.31 -11.81
C ILE A 89 35.06 -9.58 -11.25
N GLY A 90 35.41 -9.91 -10.01
CA GLY A 90 34.88 -11.10 -9.38
C GLY A 90 33.35 -11.14 -9.30
N LEU A 91 32.75 -10.00 -9.01
CA LEU A 91 31.28 -9.93 -8.90
C LEU A 91 30.64 -10.10 -10.27
N TYR A 92 31.21 -9.46 -11.28
CA TYR A 92 30.68 -9.61 -12.63
C TYR A 92 30.72 -11.09 -13.02
N ASN A 93 31.86 -11.74 -12.80
CA ASN A 93 32.00 -13.17 -13.10
C ASN A 93 30.99 -14.02 -12.35
N LEU A 94 30.77 -13.71 -11.08
CA LEU A 94 29.82 -14.47 -10.28
C LEU A 94 28.39 -14.34 -10.85
N TYR A 95 27.99 -13.12 -11.18
CA TYR A 95 26.63 -12.89 -11.69
C TYR A 95 26.40 -13.48 -13.08
N GLU A 96 27.42 -13.39 -13.93
CA GLU A 96 27.35 -14.06 -15.23
C GLU A 96 27.26 -15.58 -15.09
N ALA A 97 28.01 -16.15 -14.16
CA ALA A 97 27.97 -17.60 -13.92
C ALA A 97 26.59 -18.03 -13.41
N ALA A 98 26.05 -17.29 -12.46
CA ALA A 98 24.69 -17.56 -11.98
C ALA A 98 23.69 -17.47 -13.14
N ARG A 99 23.82 -16.44 -13.98
CA ARG A 99 22.87 -16.23 -15.07
C ARG A 99 22.90 -17.43 -16.03
N ALA A 100 24.06 -18.06 -16.16
CA ALA A 100 24.23 -19.17 -17.10
C ALA A 100 23.83 -20.52 -16.50
N HIS A 101 23.56 -20.54 -15.19
CA HIS A 101 23.29 -21.79 -14.50
C HIS A 101 22.04 -21.77 -13.61
N GLY A 102 20.97 -21.19 -14.13
CA GLY A 102 19.67 -21.30 -13.47
C GLY A 102 19.36 -20.21 -12.45
N GLN A 103 20.22 -19.19 -12.38
CA GLN A 103 20.04 -18.09 -11.43
C GLN A 103 19.80 -18.52 -9.97
N PRO A 104 20.70 -19.34 -9.41
CA PRO A 104 20.60 -19.72 -8.01
C PRO A 104 20.51 -18.46 -7.15
N ARG A 105 19.63 -18.45 -6.15
CA ARG A 105 19.47 -17.29 -5.26
C ARG A 105 20.79 -17.02 -4.55
N ILE A 106 21.12 -15.74 -4.36
CA ILE A 106 22.39 -15.32 -3.79
C ILE A 106 22.21 -14.54 -2.48
N VAL A 107 22.96 -14.92 -1.46
CA VAL A 107 23.14 -14.07 -0.28
C VAL A 107 24.48 -13.36 -0.48
N PHE A 108 24.44 -12.05 -0.67
CA PHE A 108 25.66 -11.29 -0.93
C PHE A 108 26.15 -10.63 0.35
N ALA A 109 27.41 -10.85 0.69
CA ALA A 109 28.02 -10.14 1.82
C ALA A 109 28.36 -8.73 1.39
N SER A 110 27.42 -7.80 1.54
CA SER A 110 27.78 -6.40 1.41
C SER A 110 28.35 -6.00 2.76
N SER A 111 28.33 -4.71 3.08
CA SER A 111 29.02 -4.23 4.27
C SER A 111 28.48 -2.90 4.77
N ASN A 112 28.55 -2.71 6.10
CA ASN A 112 28.29 -1.40 6.68
C ASN A 112 29.19 -0.33 6.07
N HIS A 113 30.33 -0.75 5.52
CA HIS A 113 31.26 0.23 4.95
C HIS A 113 30.73 0.93 3.70
N THR A 114 29.60 0.47 3.15
CA THR A 114 28.94 1.20 2.08
C THR A 114 28.35 2.51 2.59
N ILE A 115 28.12 2.59 3.91
CA ILE A 115 27.51 3.77 4.53
C ILE A 115 28.38 4.28 5.68
N GLY A 116 29.69 3.96 5.61
CA GLY A 116 30.61 4.22 6.71
C GLY A 116 30.76 5.66 7.16
N TYR A 117 30.53 6.63 6.26
CA TYR A 117 30.69 8.03 6.65
C TYR A 117 29.51 8.66 7.40
N TYR A 118 28.40 7.94 7.55
CA TYR A 118 27.29 8.49 8.32
C TYR A 118 27.68 8.55 9.79
N PRO A 119 27.21 9.59 10.51
CA PRO A 119 27.42 9.68 11.96
C PRO A 119 26.67 8.56 12.66
N GLN A 120 27.20 8.09 13.79
CA GLN A 120 26.55 7.00 14.53
C GLN A 120 25.22 7.42 15.16
N THR A 121 24.97 8.73 15.21
CA THR A 121 23.76 9.26 15.83
C THR A 121 22.56 9.20 14.88
N GLU A 122 22.81 8.90 13.61
CA GLU A 122 21.75 8.92 12.61
C GLU A 122 21.20 7.52 12.35
N ARG A 123 19.89 7.34 12.50
CA ARG A 123 19.25 6.05 12.22
C ARG A 123 18.99 5.89 10.71
N LEU A 124 19.38 4.76 10.13
CA LEU A 124 19.35 4.61 8.67
C LEU A 124 18.33 3.57 8.19
N GLY A 125 17.51 3.95 7.22
CA GLY A 125 16.69 2.98 6.52
C GLY A 125 17.45 2.45 5.31
N PRO A 126 16.89 1.42 4.63
CA PRO A 126 17.60 0.75 3.53
C PRO A 126 17.82 1.60 2.28
N ASP A 127 17.07 2.70 2.14
CA ASP A 127 17.17 3.52 0.93
C ASP A 127 18.14 4.70 1.03
N VAL A 128 18.90 4.82 2.12
CA VAL A 128 19.77 5.99 2.25
C VAL A 128 20.86 6.01 1.17
N PRO A 129 21.24 7.22 0.72
CA PRO A 129 22.31 7.29 -0.27
C PRO A 129 23.61 6.71 0.33
N ALA A 130 24.38 6.00 -0.49
CA ALA A 130 25.63 5.40 -0.04
C ALA A 130 26.64 6.49 0.34
N ARG A 131 27.43 6.21 1.38
CA ARG A 131 28.55 7.07 1.74
C ARG A 131 29.70 6.15 2.10
N PRO A 132 30.28 5.49 1.08
CA PRO A 132 31.31 4.47 1.34
C PRO A 132 32.58 5.09 1.95
N ASP A 133 33.27 4.34 2.80
CA ASP A 133 34.38 4.91 3.59
C ASP A 133 35.77 4.58 3.04
N GLY A 134 35.82 3.99 1.85
CA GLY A 134 37.06 3.69 1.17
C GLY A 134 36.77 2.84 -0.05
N LEU A 135 37.82 2.33 -0.69
CA LEU A 135 37.64 1.53 -1.92
C LEU A 135 36.88 0.24 -1.67
N TYR A 136 37.09 -0.36 -0.50
CA TYR A 136 36.35 -1.56 -0.15
C TYR A 136 34.85 -1.28 -0.11
N GLY A 137 34.45 -0.22 0.59
CA GLY A 137 33.05 0.19 0.62
C GLY A 137 32.52 0.48 -0.78
N VAL A 138 33.28 1.20 -1.58
CA VAL A 138 32.87 1.51 -2.95
C VAL A 138 32.64 0.21 -3.71
N SER A 139 33.50 -0.77 -3.51
CA SER A 139 33.38 -2.04 -4.23
C SER A 139 32.15 -2.83 -3.79
N LYS A 140 31.76 -2.70 -2.52
CA LYS A 140 30.54 -3.34 -2.07
C LYS A 140 29.30 -2.64 -2.65
N CYS A 141 29.37 -1.32 -2.81
CA CYS A 141 28.31 -0.60 -3.53
C CYS A 141 28.19 -1.12 -4.95
N PHE A 142 29.34 -1.36 -5.59
CA PHE A 142 29.32 -1.92 -6.95
C PHE A 142 28.57 -3.24 -6.99
N GLY A 143 28.88 -4.13 -6.04
CA GLY A 143 28.15 -5.39 -5.95
C GLY A 143 26.65 -5.19 -5.82
N GLU A 144 26.23 -4.24 -4.98
CA GLU A 144 24.80 -3.96 -4.80
C GLU A 144 24.15 -3.45 -6.09
N ASN A 145 24.83 -2.52 -6.77
CA ASN A 145 24.27 -1.93 -7.98
C ASN A 145 24.21 -2.95 -9.11
N LEU A 146 25.24 -3.78 -9.19
CA LEU A 146 25.27 -4.82 -10.21
C LEU A 146 24.18 -5.84 -9.95
N ALA A 147 24.03 -6.24 -8.68
CA ALA A 147 22.97 -7.18 -8.32
C ALA A 147 21.59 -6.62 -8.64
N ARG A 148 21.38 -5.33 -8.37
CA ARG A 148 20.08 -4.71 -8.65
C ARG A 148 19.79 -4.76 -10.15
N MET A 149 20.81 -4.49 -10.95
CA MET A 149 20.65 -4.51 -12.41
C MET A 149 20.27 -5.91 -12.91
N TYR A 150 20.95 -6.94 -12.42
CA TYR A 150 20.60 -8.32 -12.80
C TYR A 150 19.20 -8.70 -12.34
N PHE A 151 18.77 -8.14 -11.21
CA PHE A 151 17.40 -8.37 -10.77
C PHE A 151 16.37 -7.74 -11.70
N ASP A 152 16.53 -6.46 -11.99
CA ASP A 152 15.60 -5.76 -12.87
C ASP A 152 15.63 -6.34 -14.29
N LYS A 153 16.80 -6.77 -14.73
CA LYS A 153 16.97 -7.20 -16.13
C LYS A 153 16.63 -8.67 -16.35
N PHE A 154 16.98 -9.53 -15.38
CA PHE A 154 16.88 -10.97 -15.55
C PHE A 154 16.08 -11.68 -14.46
N GLY A 155 15.77 -10.97 -13.39
CA GLY A 155 15.04 -11.57 -12.28
C GLY A 155 15.90 -12.31 -11.27
N GLN A 156 17.22 -12.25 -11.44
CA GLN A 156 18.14 -12.82 -10.43
C GLN A 156 17.85 -12.24 -9.05
N GLU A 157 17.63 -13.09 -8.05
CA GLU A 157 17.35 -12.61 -6.71
C GLU A 157 18.57 -12.65 -5.81
N THR A 158 18.74 -11.59 -5.02
CA THR A 158 19.90 -11.45 -4.14
C THR A 158 19.48 -10.77 -2.84
N ALA A 159 19.96 -11.26 -1.70
CA ALA A 159 19.84 -10.50 -0.46
C ALA A 159 21.13 -9.71 -0.31
N LEU A 160 21.01 -8.38 -0.29
CA LEU A 160 22.18 -7.51 -0.12
C LEU A 160 22.40 -7.26 1.38
N VAL A 161 23.22 -8.09 2.00
CA VAL A 161 23.36 -8.05 3.45
C VAL A 161 24.52 -7.15 3.85
N ARG A 162 24.17 -5.99 4.38
CA ARG A 162 25.18 -5.03 4.82
C ARG A 162 25.68 -5.45 6.20
N ILE A 163 26.69 -6.30 6.20
CA ILE A 163 27.17 -6.89 7.45
C ILE A 163 27.75 -5.83 8.40
N GLY A 164 27.34 -5.90 9.67
CA GLY A 164 27.93 -5.08 10.72
C GLY A 164 29.26 -5.67 11.18
N SER A 165 29.27 -6.28 12.36
CA SER A 165 30.47 -6.94 12.87
C SER A 165 30.08 -8.37 13.23
N CYS A 166 30.39 -9.31 12.35
CA CYS A 166 29.97 -10.70 12.57
CA CYS A 166 29.98 -10.70 12.56
C CYS A 166 31.13 -11.47 13.21
N THR A 167 31.11 -11.50 14.54
CA THR A 167 32.18 -12.05 15.35
C THR A 167 31.59 -12.89 16.46
N PRO A 168 32.45 -13.64 17.16
CA PRO A 168 31.87 -14.49 18.20
C PRO A 168 31.15 -13.64 19.26
N GLU A 169 31.72 -12.51 19.62
CA GLU A 169 31.06 -11.61 20.56
C GLU A 169 31.53 -10.17 20.37
N PRO A 170 30.71 -9.21 20.83
CA PRO A 170 31.09 -7.79 20.74
C PRO A 170 32.36 -7.58 21.54
N ASN A 171 33.33 -6.84 21.02
CA ASN A 171 34.54 -6.59 21.81
C ASN A 171 35.02 -5.15 21.85
N ASN A 172 34.20 -4.23 21.36
CA ASN A 172 34.45 -2.82 21.59
C ASN A 172 33.14 -2.04 21.56
N TYR A 173 33.20 -0.74 21.86
CA TYR A 173 31.99 0.05 22.04
C TYR A 173 31.11 0.07 20.78
N ARG A 174 31.75 0.15 19.61
CA ARG A 174 31.02 0.20 18.34
C ARG A 174 30.20 -1.08 18.12
N MET A 175 30.75 -2.22 18.53
CA MET A 175 30.04 -3.49 18.35
C MET A 175 28.78 -3.62 19.20
N LEU A 176 28.61 -2.78 20.21
CA LEU A 176 27.35 -2.75 20.94
C LEU A 176 26.22 -2.37 19.99
N SER A 177 26.58 -1.76 18.85
CA SER A 177 25.61 -1.38 17.84
C SER A 177 25.68 -2.28 16.61
N THR A 178 26.89 -2.67 16.21
CA THR A 178 27.08 -3.36 14.92
C THR A 178 27.11 -4.89 14.97
N TRP A 179 27.18 -5.46 16.17
CA TRP A 179 27.34 -6.91 16.31
C TRP A 179 26.25 -7.68 15.55
N PHE A 180 26.68 -8.70 14.81
CA PHE A 180 25.79 -9.60 14.09
C PHE A 180 26.22 -11.00 14.49
N SER A 181 25.46 -11.64 15.37
CA SER A 181 25.87 -12.94 15.91
C SER A 181 25.87 -14.02 14.82
N HIS A 182 26.63 -15.08 15.02
CA HIS A 182 26.59 -16.20 14.10
C HIS A 182 25.17 -16.74 13.97
N ASP A 183 24.50 -16.94 15.11
CA ASP A 183 23.15 -17.49 15.10
C ASP A 183 22.19 -16.64 14.25
N ASP A 184 22.27 -15.32 14.40
CA ASP A 184 21.36 -14.43 13.67
C ASP A 184 21.69 -14.36 12.17
N PHE A 185 22.96 -14.49 11.82
CA PHE A 185 23.31 -14.52 10.40
C PHE A 185 22.81 -15.84 9.78
N VAL A 186 23.00 -16.94 10.51
CA VAL A 186 22.50 -18.23 10.04
C VAL A 186 20.98 -18.23 9.81
N SER A 187 20.22 -17.70 10.77
CA SER A 187 18.77 -17.66 10.62
C SER A 187 18.35 -16.73 9.48
N LEU A 188 19.12 -15.66 9.27
CA LEU A 188 18.83 -14.79 8.12
C LEU A 188 19.01 -15.54 6.82
N ILE A 189 20.12 -16.28 6.72
CA ILE A 189 20.36 -17.08 5.52
C ILE A 189 19.24 -18.11 5.29
N GLU A 190 18.79 -18.74 6.36
CA GLU A 190 17.67 -19.68 6.28
C GLU A 190 16.40 -18.99 5.76
N ALA A 191 16.11 -17.81 6.31
CA ALA A 191 14.96 -17.01 5.89
C ALA A 191 15.06 -16.57 4.43
N VAL A 192 16.25 -16.17 4.00
CA VAL A 192 16.44 -15.77 2.61
C VAL A 192 16.15 -16.91 1.62
N PHE A 193 16.64 -18.10 1.91
CA PHE A 193 16.44 -19.22 0.98
C PHE A 193 15.02 -19.81 1.02
N ARG A 194 14.34 -19.66 2.14
CA ARG A 194 12.98 -20.20 2.27
C ARG A 194 11.90 -19.31 1.62
N ALA A 195 12.18 -18.03 1.43
CA ALA A 195 11.16 -17.11 0.94
C ALA A 195 10.70 -17.45 -0.48
N PRO A 196 9.37 -17.56 -0.69
CA PRO A 196 8.92 -17.81 -2.06
C PRO A 196 9.40 -16.69 -2.98
N VAL A 197 9.26 -15.46 -2.53
CA VAL A 197 9.69 -14.28 -3.29
C VAL A 197 10.64 -13.42 -2.44
N LEU A 198 11.78 -13.09 -3.00
CA LEU A 198 12.80 -12.31 -2.28
C LEU A 198 12.97 -10.91 -2.86
N GLY A 199 13.21 -10.86 -4.18
CA GLY A 199 13.55 -9.61 -4.83
C GLY A 199 15.04 -9.33 -4.71
N CYS A 200 15.39 -8.07 -4.49
CA CYS A 200 16.79 -7.70 -4.31
C CYS A 200 16.93 -6.73 -3.14
N PRO A 201 16.46 -7.14 -1.96
CA PRO A 201 16.38 -6.24 -0.82
C PRO A 201 17.73 -5.95 -0.15
N VAL A 202 17.88 -4.73 0.35
CA VAL A 202 18.95 -4.40 1.27
C VAL A 202 18.56 -4.91 2.64
N VAL A 203 19.47 -5.64 3.29
CA VAL A 203 19.22 -6.17 4.62
C VAL A 203 20.34 -5.63 5.52
N TRP A 204 19.97 -5.03 6.64
CA TRP A 204 20.99 -4.57 7.57
C TRP A 204 21.42 -5.78 8.41
N GLY A 205 22.71 -6.11 8.32
CA GLY A 205 23.22 -7.30 9.00
C GLY A 205 23.66 -7.00 10.42
N ALA A 206 22.70 -7.01 11.35
CA ALA A 206 22.99 -6.83 12.77
C ALA A 206 22.01 -7.65 13.60
N SER A 207 22.44 -8.03 14.80
CA SER A 207 21.55 -8.68 15.74
C SER A 207 20.55 -7.66 16.30
N ALA A 208 19.67 -8.10 17.21
CA ALA A 208 18.66 -7.22 17.79
C ALA A 208 19.25 -6.40 18.94
N ASN A 209 20.19 -5.53 18.60
CA ASN A 209 20.93 -4.77 19.59
C ASN A 209 20.17 -3.53 20.07
N ASP A 210 20.11 -3.34 21.39
CA ASP A 210 19.47 -2.14 21.94
C ASP A 210 20.02 -0.87 21.30
N ALA A 211 21.32 -0.84 21.06
CA ALA A 211 21.96 0.36 20.48
C ALA A 211 22.13 0.32 18.97
N GLY A 212 21.36 -0.52 18.28
CA GLY A 212 21.45 -0.60 16.83
C GLY A 212 21.12 0.71 16.12
N TRP A 213 21.71 0.91 14.94
CA TRP A 213 21.58 2.14 14.17
C TRP A 213 20.64 2.00 12.97
N TRP A 214 20.20 0.77 12.68
CA TRP A 214 19.61 0.47 11.37
C TRP A 214 18.18 -0.08 11.45
N ASP A 215 17.38 0.25 10.45
CA ASP A 215 15.95 -0.04 10.45
C ASP A 215 15.63 -1.07 9.36
N ASN A 216 15.29 -2.30 9.78
CA ASN A 216 14.95 -3.38 8.85
C ASN A 216 13.44 -3.57 8.75
N SER A 217 12.66 -2.58 9.21
CA SER A 217 11.21 -2.78 9.30
C SER A 217 10.55 -3.10 7.94
N HIS A 218 11.09 -2.54 6.85
CA HIS A 218 10.49 -2.75 5.54
C HIS A 218 10.76 -4.16 4.99
N LEU A 219 11.62 -4.89 5.67
CA LEU A 219 11.90 -6.29 5.35
C LEU A 219 10.93 -7.23 6.08
N GLY A 220 9.92 -6.67 6.73
CA GLY A 220 8.99 -7.46 7.52
C GLY A 220 8.48 -8.69 6.79
N PHE A 221 8.23 -8.56 5.48
CA PHE A 221 7.64 -9.66 4.71
C PHE A 221 8.44 -10.96 4.81
N LEU A 222 9.75 -10.83 5.04
CA LEU A 222 10.64 -11.99 5.13
C LEU A 222 10.44 -12.82 6.40
N GLY A 223 9.93 -12.19 7.44
CA GLY A 223 9.63 -12.87 8.69
C GLY A 223 10.87 -13.22 9.50
N TRP A 224 11.98 -12.53 9.20
CA TRP A 224 13.22 -12.74 9.96
C TRP A 224 13.36 -11.71 11.08
N LYS A 225 13.46 -12.18 12.32
CA LYS A 225 13.70 -11.32 13.48
C LYS A 225 14.92 -11.85 14.26
N PRO A 226 16.03 -11.08 14.25
CA PRO A 226 17.19 -11.56 15.01
C PRO A 226 16.89 -11.67 16.51
N LYS A 227 17.59 -12.55 17.21
CA LYS A 227 17.27 -12.83 18.60
C LYS A 227 18.36 -12.43 19.60
N ASP A 228 19.60 -12.30 19.14
CA ASP A 228 20.68 -11.95 20.07
C ASP A 228 20.76 -10.45 20.25
N ASN A 229 21.46 -10.00 21.30
CA ASN A 229 21.47 -8.59 21.67
C ASN A 229 22.83 -8.22 22.25
N ALA A 230 23.57 -7.35 21.54
CA ALA A 230 24.90 -6.98 21.98
C ALA A 230 24.88 -6.30 23.35
N GLU A 231 23.76 -5.71 23.69
CA GLU A 231 23.63 -4.96 24.94
C GLU A 231 24.04 -5.79 26.15
N ALA A 232 23.83 -7.10 26.07
CA ALA A 232 24.19 -8.00 27.17
C ALA A 232 25.68 -7.94 27.49
N PHE A 233 26.48 -7.42 26.55
CA PHE A 233 27.94 -7.41 26.69
C PHE A 233 28.50 -6.05 27.11
N ARG A 234 27.63 -5.08 27.39
CA ARG A 234 28.12 -3.73 27.67
C ARG A 234 29.06 -3.72 28.88
N ARG A 235 28.65 -4.36 29.97
CA ARG A 235 29.52 -4.37 31.14
C ARG A 235 30.84 -5.07 30.86
N HIS A 236 30.77 -6.20 30.16
CA HIS A 236 31.98 -6.91 29.80
C HIS A 236 32.95 -6.05 28.99
N ILE A 237 32.41 -5.25 28.07
CA ILE A 237 33.25 -4.35 27.30
C ILE A 237 33.90 -3.29 28.19
N THR A 238 33.12 -2.72 29.11
CA THR A 238 33.69 -1.73 30.02
C THR A 238 34.80 -2.36 30.89
N GLU A 239 34.68 -3.65 31.19
CA GLU A 239 35.66 -4.30 32.06
C GLU A 239 36.80 -5.02 31.32
N THR A 240 36.92 -4.81 30.01
CA THR A 240 38.00 -5.44 29.25
C THR A 240 38.72 -4.51 28.26
N THR A 241 38.21 -3.30 28.09
CA THR A 241 38.79 -2.39 27.10
C THR A 241 38.87 -0.98 27.68
N PRO A 242 39.77 -0.15 27.15
CA PRO A 242 39.78 1.24 27.60
C PRO A 242 38.53 1.96 27.10
N PRO A 243 38.04 2.96 27.85
CA PRO A 243 36.88 3.74 27.40
C PRO A 243 37.23 4.48 26.12
N PRO A 244 36.30 4.57 25.16
CA PRO A 244 36.57 5.27 23.90
C PRO A 244 36.77 6.76 24.13
N ASP A 245 37.68 7.39 23.37
CA ASP A 245 37.77 8.84 23.29
C ASP A 245 36.65 9.32 22.38
N PRO A 246 35.91 10.37 22.80
CA PRO A 246 34.80 10.90 21.99
C PRO A 246 35.25 11.39 20.61
N ASN A 247 36.55 11.62 20.44
CA ASN A 247 37.07 12.06 19.15
C ASN A 247 37.45 10.90 18.22
N ASP A 248 37.43 9.67 18.76
CA ASP A 248 37.79 8.48 18.01
CA ASP A 248 37.80 8.47 18.00
C ASP A 248 36.74 8.15 16.95
N ALA A 249 37.20 7.85 15.74
CA ALA A 249 36.28 7.48 14.67
C ALA A 249 35.44 6.27 15.08
N LEU A 250 36.01 5.46 15.97
CA LEU A 250 35.32 4.29 16.49
C LEU A 250 33.94 4.60 17.06
N VAL A 251 33.78 5.80 17.61
CA VAL A 251 32.48 6.21 18.16
C VAL A 251 31.86 7.42 17.45
N ARG A 252 32.40 7.78 16.30
CA ARG A 252 31.87 8.92 15.56
C ARG A 252 31.22 8.56 14.21
N PHE A 253 31.79 7.54 13.56
CA PHE A 253 31.34 7.16 12.21
C PHE A 253 30.88 5.71 12.16
N GLN A 254 29.84 5.44 11.38
CA GLN A 254 29.30 4.09 11.34
C GLN A 254 30.33 3.06 10.84
N GLY A 255 31.23 3.52 9.96
CA GLY A 255 32.30 2.67 9.47
C GLY A 255 33.49 2.56 10.42
N GLY A 256 33.40 3.22 11.57
CA GLY A 256 34.49 3.18 12.53
C GLY A 256 35.81 3.67 11.94
N THR A 257 36.90 2.99 12.28
CA THR A 257 38.23 3.44 11.86
C THR A 257 38.50 3.33 10.34
N PHE A 258 37.61 2.68 9.59
CA PHE A 258 37.77 2.68 8.13
C PHE A 258 37.82 4.10 7.55
N VAL A 259 37.12 5.05 8.19
CA VAL A 259 37.17 6.42 7.63
C VAL A 259 38.58 7.00 7.72
N ASP A 260 39.38 6.51 8.67
CA ASP A 260 40.75 6.99 8.86
C ASP A 260 41.74 6.37 7.86
N ASN A 261 41.32 5.33 7.14
CA ASN A 261 42.20 4.73 6.13
C ASN A 261 42.51 5.71 5.00
N PRO A 262 43.78 5.77 4.59
CA PRO A 262 44.13 6.47 3.34
C PRO A 262 43.79 5.54 2.17
N ILE A 263 44.13 5.95 0.95
CA ILE A 263 44.10 5.05 -0.20
C ILE A 263 45.38 4.23 -0.15
N PHE A 264 45.27 2.94 0.14
CA PHE A 264 46.46 2.10 0.24
C PHE A 264 47.01 1.80 -1.14
N LYS A 265 48.34 1.70 -1.23
CA LYS A 265 49.00 1.49 -2.52
C LYS A 265 49.79 0.19 -2.51
N GLN A 266 49.92 -0.44 -3.67
CA GLN A 266 50.50 -1.77 -3.79
C GLN A 266 52.01 -1.78 -3.60
N MET B 1 -20.10 -4.16 32.93
CA MET B 1 -20.19 -4.28 31.48
C MET B 1 -20.04 -2.92 30.77
N ALA B 2 -19.46 -2.96 29.59
CA ALA B 2 -19.16 -1.74 28.83
C ALA B 2 -20.42 -0.93 28.48
N MET B 3 -21.55 -1.62 28.28
CA MET B 3 -22.74 -0.94 27.79
C MET B 3 -24.01 -1.79 27.98
N LYS B 4 -25.17 -1.15 27.81
CA LYS B 4 -26.45 -1.83 27.97
C LYS B 4 -26.73 -2.81 26.83
N ARG B 5 -26.56 -2.34 25.59
CA ARG B 5 -26.84 -3.20 24.43
C ARG B 5 -25.82 -3.01 23.31
N LEU B 6 -25.25 -4.12 22.86
CA LEU B 6 -24.29 -4.10 21.77
C LEU B 6 -24.87 -4.85 20.59
N LEU B 7 -24.86 -4.21 19.43
CA LEU B 7 -25.28 -4.84 18.18
C LEU B 7 -24.11 -5.47 17.45
N VAL B 8 -24.25 -6.74 17.06
CA VAL B 8 -23.31 -7.42 16.18
C VAL B 8 -24.04 -7.85 14.91
N THR B 9 -23.71 -7.23 13.78
CA THR B 9 -24.27 -7.64 12.49
C THR B 9 -23.39 -8.72 11.85
N GLY B 10 -23.91 -9.39 10.83
CA GLY B 10 -23.22 -10.53 10.24
C GLY B 10 -23.04 -11.67 11.24
N ALA B 11 -23.96 -11.75 12.20
CA ALA B 11 -23.80 -12.65 13.35
C ALA B 11 -23.95 -14.15 13.03
N ALA B 12 -24.44 -14.48 11.85
CA ALA B 12 -24.60 -15.88 11.46
C ALA B 12 -23.36 -16.45 10.76
N GLY B 13 -22.47 -15.56 10.32
CA GLY B 13 -21.24 -15.98 9.66
C GLY B 13 -20.24 -16.55 10.66
N GLN B 14 -19.18 -17.18 10.17
CA GLN B 14 -18.22 -17.82 11.05
C GLN B 14 -17.63 -16.87 12.09
N LEU B 15 -17.18 -15.71 11.64
CA LEU B 15 -16.64 -14.71 12.57
C LEU B 15 -17.72 -14.16 13.50
N GLY B 16 -18.91 -13.90 12.95
CA GLY B 16 -20.00 -13.41 13.80
C GLY B 16 -20.35 -14.41 14.90
N ARG B 17 -20.29 -15.71 14.57
CA ARG B 17 -20.57 -16.75 15.57
C ARG B 17 -19.54 -16.69 16.70
N VAL B 18 -18.29 -16.44 16.35
CA VAL B 18 -17.24 -16.30 17.36
C VAL B 18 -17.52 -15.07 18.23
N MET B 19 -17.89 -13.95 17.60
CA MET B 19 -18.13 -12.72 18.35
C MET B 19 -19.39 -12.80 19.23
N ARG B 20 -20.39 -13.55 18.79
CA ARG B 20 -21.61 -13.72 19.56
C ARG B 20 -21.26 -14.28 20.94
N GLU B 21 -20.26 -15.16 20.98
CA GLU B 21 -19.82 -15.73 22.24
C GLU B 21 -18.80 -14.83 22.97
N ARG B 22 -17.78 -14.38 22.25
CA ARG B 22 -16.67 -13.64 22.87
C ARG B 22 -17.04 -12.24 23.37
N LEU B 23 -18.04 -11.62 22.74
CA LEU B 23 -18.37 -10.23 23.09
C LEU B 23 -19.49 -10.13 24.14
N ALA B 24 -20.08 -11.26 24.49
CA ALA B 24 -21.18 -11.27 25.45
C ALA B 24 -20.86 -10.50 26.75
N PRO B 25 -19.64 -10.66 27.27
CA PRO B 25 -19.27 -9.95 28.51
C PRO B 25 -19.25 -8.43 28.38
N MET B 26 -19.29 -7.89 27.16
CA MET B 26 -19.20 -6.45 26.97
C MET B 26 -20.50 -5.68 27.16
N ALA B 27 -21.63 -6.40 27.20
CA ALA B 27 -22.92 -5.73 27.30
C ALA B 27 -23.93 -6.56 28.07
N GLU B 28 -24.90 -5.90 28.67
CA GLU B 28 -26.00 -6.59 29.33
C GLU B 28 -26.75 -7.42 28.32
N ILE B 29 -27.05 -6.82 27.17
CA ILE B 29 -27.73 -7.52 26.09
C ILE B 29 -26.93 -7.45 24.80
N LEU B 30 -26.75 -8.59 24.16
CA LEU B 30 -26.18 -8.65 22.82
C LEU B 30 -27.32 -8.82 21.82
N ARG B 31 -27.43 -7.89 20.88
CA ARG B 31 -28.40 -8.06 19.79
C ARG B 31 -27.65 -8.55 18.56
N LEU B 32 -28.03 -9.74 18.09
CA LEU B 32 -27.39 -10.34 16.92
C LEU B 32 -28.28 -10.12 15.70
N ALA B 33 -27.66 -9.80 14.56
CA ALA B 33 -28.43 -9.58 13.35
C ALA B 33 -27.72 -10.17 12.15
N ASP B 34 -28.52 -10.62 11.18
CA ASP B 34 -27.98 -11.14 9.93
C ASP B 34 -29.13 -11.29 8.96
N LEU B 35 -28.80 -11.43 7.69
CA LEU B 35 -29.80 -11.77 6.68
C LEU B 35 -30.05 -13.27 6.73
N SER B 36 -28.99 -14.03 6.98
CA SER B 36 -29.09 -15.48 7.07
C SER B 36 -29.65 -15.91 8.43
N PRO B 37 -30.24 -17.11 8.48
CA PRO B 37 -30.89 -17.60 9.70
C PRO B 37 -29.94 -17.61 10.89
N LEU B 38 -30.38 -17.05 12.01
CA LEU B 38 -29.59 -17.04 13.22
C LEU B 38 -30.10 -18.12 14.16
N ASP B 39 -29.18 -18.79 14.84
CA ASP B 39 -29.57 -19.64 15.95
C ASP B 39 -30.37 -18.76 16.90
N PRO B 40 -31.47 -19.30 17.45
CA PRO B 40 -32.41 -18.55 18.29
C PRO B 40 -31.76 -17.88 19.50
N ALA B 41 -32.33 -16.76 19.93
CA ALA B 41 -31.77 -16.03 21.06
C ALA B 41 -31.82 -16.85 22.34
N GLY B 42 -30.69 -16.92 23.02
CA GLY B 42 -30.65 -17.51 24.34
C GLY B 42 -30.72 -16.41 25.37
N PRO B 43 -30.38 -16.74 26.62
CA PRO B 43 -30.38 -15.73 27.67
C PRO B 43 -29.49 -14.54 27.32
N ASN B 44 -29.98 -13.33 27.58
CA ASN B 44 -29.22 -12.09 27.39
C ASN B 44 -28.94 -11.76 25.94
N GLU B 45 -29.71 -12.38 25.05
CA GLU B 45 -29.58 -12.18 23.60
C GLU B 45 -30.90 -11.69 22.98
N GLU B 46 -30.77 -10.92 21.90
CA GLU B 46 -31.88 -10.59 21.00
C GLU B 46 -31.40 -10.94 19.60
N CYS B 47 -32.29 -11.45 18.75
CA CYS B 47 -31.90 -11.82 17.39
C CYS B 47 -32.84 -11.17 16.39
N VAL B 48 -32.25 -10.55 15.37
CA VAL B 48 -33.01 -9.83 14.36
C VAL B 48 -32.56 -10.33 13.00
N GLN B 49 -33.51 -10.72 12.16
CA GLN B 49 -33.15 -11.07 10.80
C GLN B 49 -33.61 -9.99 9.87
N CYS B 50 -32.68 -9.36 9.18
CA CYS B 50 -33.05 -8.26 8.31
C CYS B 50 -32.05 -7.99 7.20
N ASP B 51 -32.57 -7.27 6.21
CA ASP B 51 -31.93 -6.94 4.97
C ASP B 51 -31.32 -5.56 5.16
N LEU B 52 -29.99 -5.44 5.05
CA LEU B 52 -29.33 -4.15 5.27
C LEU B 52 -29.77 -3.09 4.26
N ALA B 53 -30.28 -3.55 3.11
CA ALA B 53 -30.73 -2.62 2.09
C ALA B 53 -32.15 -2.08 2.34
N ASP B 54 -32.80 -2.60 3.38
CA ASP B 54 -34.13 -2.15 3.78
C ASP B 54 -33.94 -1.09 4.87
N ALA B 55 -34.04 0.19 4.52
CA ALA B 55 -33.68 1.27 5.45
C ALA B 55 -34.48 1.21 6.76
N ASN B 56 -35.78 0.98 6.66
CA ASN B 56 -36.61 0.91 7.84
C ASN B 56 -36.16 -0.21 8.79
N ALA B 57 -35.80 -1.35 8.22
CA ALA B 57 -35.36 -2.49 9.03
C ALA B 57 -34.07 -2.16 9.78
N VAL B 58 -33.15 -1.48 9.10
CA VAL B 58 -31.87 -1.13 9.70
C VAL B 58 -32.06 -0.11 10.83
N ASN B 59 -32.97 0.83 10.64
CA ASN B 59 -33.32 1.77 11.70
C ASN B 59 -33.77 1.03 12.97
N ALA B 60 -34.69 0.09 12.80
CA ALA B 60 -35.19 -0.69 13.94
C ALA B 60 -34.09 -1.58 14.54
N MET B 61 -33.22 -2.09 13.69
CA MET B 61 -32.11 -2.93 14.15
C MET B 61 -31.15 -2.15 15.06
N VAL B 62 -30.92 -0.89 14.72
CA VAL B 62 -29.97 -0.06 15.44
C VAL B 62 -30.58 0.59 16.68
N ALA B 63 -31.88 0.88 16.63
CA ALA B 63 -32.56 1.56 17.74
C ALA B 63 -32.29 0.85 19.07
N GLY B 64 -31.89 1.62 20.08
CA GLY B 64 -31.66 1.07 21.41
C GLY B 64 -30.27 0.47 21.60
N CYS B 65 -29.41 0.56 20.59
CA CYS B 65 -28.07 0.00 20.73
C CYS B 65 -27.02 1.07 21.07
N ASP B 66 -26.09 0.74 21.95
CA ASP B 66 -25.08 1.68 22.43
C ASP B 66 -23.76 1.53 21.68
N GLY B 67 -23.65 0.46 20.91
CA GLY B 67 -22.47 0.25 20.08
C GLY B 67 -22.78 -0.77 19.01
N ILE B 68 -21.99 -0.75 17.94
CA ILE B 68 -22.19 -1.67 16.82
C ILE B 68 -20.86 -2.25 16.37
N VAL B 69 -20.81 -3.56 16.22
CA VAL B 69 -19.72 -4.22 15.53
C VAL B 69 -20.31 -4.69 14.20
N HIS B 70 -19.94 -4.02 13.11
CA HIS B 70 -20.58 -4.28 11.83
C HIS B 70 -19.80 -5.27 10.96
N LEU B 71 -20.18 -6.55 11.05
CA LEU B 71 -19.56 -7.60 10.24
C LEU B 71 -20.45 -8.00 9.06
N GLY B 72 -21.67 -7.46 9.03
CA GLY B 72 -22.66 -7.88 8.06
C GLY B 72 -22.47 -7.41 6.63
N GLY B 73 -23.23 -7.98 5.71
CA GLY B 73 -23.13 -7.65 4.30
C GLY B 73 -22.51 -8.78 3.52
N ILE B 74 -21.92 -8.45 2.37
CA ILE B 74 -21.22 -9.44 1.55
C ILE B 74 -19.75 -9.50 1.99
N SER B 75 -19.22 -10.69 2.19
CA SER B 75 -17.86 -10.82 2.73
C SER B 75 -16.79 -11.33 1.74
N VAL B 76 -17.18 -11.59 0.49
CA VAL B 76 -16.25 -12.06 -0.54
C VAL B 76 -16.59 -11.41 -1.87
N GLU B 77 -15.78 -11.64 -2.91
CA GLU B 77 -16.08 -11.07 -4.22
C GLU B 77 -17.35 -11.71 -4.78
N LYS B 78 -18.30 -10.88 -5.20
CA LYS B 78 -19.57 -11.34 -5.74
C LYS B 78 -19.98 -10.41 -6.88
N PRO B 79 -21.07 -10.75 -7.60
CA PRO B 79 -21.58 -9.81 -8.60
C PRO B 79 -21.98 -8.47 -7.99
N PHE B 80 -21.94 -7.42 -8.81
CA PHE B 80 -22.14 -6.06 -8.35
C PHE B 80 -23.44 -5.83 -7.55
N GLU B 81 -24.55 -6.41 -8.00
CA GLU B 81 -25.81 -6.09 -7.35
C GLU B 81 -25.87 -6.58 -5.89
N GLN B 82 -25.27 -7.73 -5.62
CA GLN B 82 -25.26 -8.26 -4.26
C GLN B 82 -24.46 -7.31 -3.36
N ILE B 83 -23.32 -6.86 -3.87
CA ILE B 83 -22.41 -6.00 -3.10
C ILE B 83 -23.01 -4.61 -2.94
N LEU B 84 -23.65 -4.12 -3.99
CA LEU B 84 -24.37 -2.85 -3.92
C LEU B 84 -25.37 -2.84 -2.76
N GLN B 85 -26.19 -3.88 -2.67
CA GLN B 85 -27.21 -3.95 -1.63
C GLN B 85 -26.63 -4.08 -0.21
N GLY B 86 -25.73 -5.04 -0.02
CA GLY B 86 -25.23 -5.34 1.31
C GLY B 86 -24.20 -4.36 1.84
N ASN B 87 -23.38 -3.79 0.95
CA ASN B 87 -22.17 -3.06 1.35
C ASN B 87 -22.17 -1.58 0.99
N ILE B 88 -23.07 -1.17 0.11
CA ILE B 88 -23.10 0.23 -0.29
C ILE B 88 -24.40 0.84 0.21
N ILE B 89 -25.54 0.41 -0.33
CA ILE B 89 -26.81 0.83 0.22
C ILE B 89 -26.87 0.46 1.70
N GLY B 90 -26.40 -0.75 2.03
CA GLY B 90 -26.43 -1.22 3.40
C GLY B 90 -25.67 -0.28 4.33
N LEU B 91 -24.54 0.24 3.84
CA LEU B 91 -23.69 1.12 4.68
C LEU B 91 -24.33 2.48 4.88
N TYR B 92 -24.89 3.03 3.81
CA TYR B 92 -25.65 4.27 3.95
C TYR B 92 -26.77 4.11 4.99
N ASN B 93 -27.53 3.01 4.88
CA ASN B 93 -28.62 2.76 5.84
C ASN B 93 -28.11 2.66 7.27
N LEU B 94 -26.98 1.98 7.46
CA LEU B 94 -26.40 1.80 8.78
C LEU B 94 -26.01 3.14 9.39
N TYR B 95 -25.36 4.00 8.60
CA TYR B 95 -24.93 5.30 9.10
C TYR B 95 -26.08 6.27 9.39
N GLU B 96 -27.10 6.24 8.54
CA GLU B 96 -28.32 7.01 8.80
C GLU B 96 -29.05 6.52 10.05
N ALA B 97 -29.09 5.21 10.24
CA ALA B 97 -29.73 4.66 11.43
C ALA B 97 -28.98 5.09 12.69
N ALA B 98 -27.66 4.99 12.65
CA ALA B 98 -26.84 5.43 13.78
C ALA B 98 -27.05 6.92 14.05
N ARG B 99 -27.07 7.72 12.99
CA ARG B 99 -27.26 9.17 13.12
C ARG B 99 -28.60 9.50 13.78
N ALA B 100 -29.60 8.67 13.54
CA ALA B 100 -30.94 8.89 14.11
C ALA B 100 -31.09 8.33 15.53
N HIS B 101 -30.10 7.59 15.99
CA HIS B 101 -30.18 6.92 17.29
C HIS B 101 -28.96 7.13 18.19
N GLY B 102 -28.49 8.36 18.28
CA GLY B 102 -27.50 8.71 19.28
C GLY B 102 -26.06 8.41 18.89
N GLN B 103 -25.87 8.12 17.61
CA GLN B 103 -24.53 7.84 17.06
C GLN B 103 -23.71 6.84 17.89
N PRO B 104 -24.26 5.63 18.10
CA PRO B 104 -23.48 4.59 18.79
C PRO B 104 -22.17 4.35 18.06
N ARG B 105 -21.08 4.22 18.82
CA ARG B 105 -19.76 3.98 18.24
C ARG B 105 -19.76 2.70 17.39
N ILE B 106 -19.10 2.75 16.23
CA ILE B 106 -19.05 1.62 15.30
C ILE B 106 -17.65 1.02 15.11
N VAL B 107 -17.56 -0.31 15.22
CA VAL B 107 -16.40 -1.04 14.72
C VAL B 107 -16.79 -1.56 13.33
N PHE B 108 -16.14 -1.05 12.29
CA PHE B 108 -16.47 -1.45 10.91
C PHE B 108 -15.49 -2.50 10.40
N ALA B 109 -16.02 -3.62 9.93
CA ALA B 109 -15.19 -4.61 9.28
C ALA B 109 -14.84 -4.14 7.86
N SER B 110 -13.77 -3.36 7.74
CA SER B 110 -13.19 -3.15 6.42
C SER B 110 -12.34 -4.37 6.09
N SER B 111 -11.42 -4.22 5.15
CA SER B 111 -10.69 -5.39 4.65
C SER B 111 -9.33 -5.06 4.05
N ASN B 112 -8.41 -6.01 4.18
CA ASN B 112 -7.15 -5.95 3.43
C ASN B 112 -7.41 -5.79 1.93
N HIS B 113 -8.58 -6.21 1.46
CA HIS B 113 -8.84 -6.15 0.03
C HIS B 113 -9.00 -4.73 -0.49
N THR B 114 -9.10 -3.76 0.42
CA THR B 114 -9.01 -2.35 0.03
C THR B 114 -7.64 -1.99 -0.55
N ILE B 115 -6.64 -2.79 -0.20
CA ILE B 115 -5.26 -2.54 -0.63
C ILE B 115 -4.64 -3.79 -1.28
N GLY B 116 -5.51 -4.65 -1.81
CA GLY B 116 -5.09 -5.96 -2.30
C GLY B 116 -4.04 -5.99 -3.42
N TYR B 117 -4.00 -4.95 -4.26
CA TYR B 117 -3.02 -4.95 -5.35
C TYR B 117 -1.57 -4.56 -4.96
N TYR B 118 -1.35 -4.10 -3.74
CA TYR B 118 0.03 -3.83 -3.30
C TYR B 118 0.85 -5.13 -3.25
N PRO B 119 2.14 -5.05 -3.61
CA PRO B 119 3.03 -6.21 -3.49
C PRO B 119 3.21 -6.56 -2.02
N GLN B 120 3.40 -7.84 -1.72
CA GLN B 120 3.59 -8.27 -0.34
C GLN B 120 4.90 -7.75 0.26
N THR B 121 5.82 -7.32 -0.61
CA THR B 121 7.11 -6.79 -0.13
C THR B 121 7.03 -5.36 0.40
N GLU B 122 5.93 -4.67 0.13
CA GLU B 122 5.79 -3.27 0.50
C GLU B 122 5.11 -3.08 1.87
N ARG B 123 5.78 -2.39 2.79
CA ARG B 123 5.20 -2.13 4.12
C ARG B 123 4.27 -0.92 4.06
N LEU B 124 3.06 -1.04 4.61
CA LEU B 124 2.05 0.00 4.45
C LEU B 124 1.68 0.70 5.76
N GLY B 125 1.66 2.02 5.73
CA GLY B 125 1.07 2.78 6.81
C GLY B 125 -0.42 3.00 6.53
N PRO B 126 -1.17 3.54 7.52
CA PRO B 126 -2.63 3.68 7.39
C PRO B 126 -3.08 4.68 6.33
N ASP B 127 -2.21 5.58 5.89
CA ASP B 127 -2.62 6.59 4.91
C ASP B 127 -2.36 6.22 3.45
N VAL B 128 -1.91 4.99 3.17
CA VAL B 128 -1.61 4.63 1.79
C VAL B 128 -2.86 4.72 0.90
N PRO B 129 -2.67 5.11 -0.36
CA PRO B 129 -3.82 5.17 -1.29
C PRO B 129 -4.41 3.77 -1.50
N ALA B 130 -5.73 3.70 -1.60
CA ALA B 130 -6.40 2.42 -1.83
C ALA B 130 -5.99 1.80 -3.16
N ARG B 131 -5.83 0.47 -3.18
CA ARG B 131 -5.67 -0.29 -4.41
C ARG B 131 -6.56 -1.53 -4.29
N PRO B 132 -7.88 -1.34 -4.36
CA PRO B 132 -8.81 -2.44 -4.12
C PRO B 132 -8.69 -3.53 -5.18
N ASP B 133 -8.89 -4.78 -4.80
CA ASP B 133 -8.61 -5.88 -5.73
C ASP B 133 -9.86 -6.49 -6.38
N GLY B 134 -11.01 -5.84 -6.20
CA GLY B 134 -12.25 -6.30 -6.79
C GLY B 134 -13.39 -5.41 -6.36
N LEU B 135 -14.62 -5.76 -6.74
CA LEU B 135 -15.77 -4.97 -6.31
C LEU B 135 -15.96 -5.02 -4.81
N TYR B 136 -15.64 -6.15 -4.19
CA TYR B 136 -15.74 -6.25 -2.75
C TYR B 136 -14.82 -5.20 -2.09
N GLY B 137 -13.57 -5.15 -2.55
CA GLY B 137 -12.62 -4.17 -2.03
C GLY B 137 -13.06 -2.73 -2.23
N VAL B 138 -13.57 -2.43 -3.42
CA VAL B 138 -14.12 -1.11 -3.69
C VAL B 138 -15.26 -0.79 -2.73
N SER B 139 -16.12 -1.77 -2.45
CA SER B 139 -17.24 -1.53 -1.53
C SER B 139 -16.76 -1.24 -0.12
N LYS B 140 -15.67 -1.86 0.31
CA LYS B 140 -15.13 -1.58 1.64
C LYS B 140 -14.51 -0.20 1.70
N CYS B 141 -13.89 0.22 0.60
CA CYS B 141 -13.43 1.61 0.48
C CYS B 141 -14.60 2.56 0.62
N PHE B 142 -15.74 2.23 -0.01
CA PHE B 142 -16.94 3.05 0.11
C PHE B 142 -17.32 3.21 1.58
N GLY B 143 -17.34 2.10 2.32
CA GLY B 143 -17.67 2.17 3.73
C GLY B 143 -16.71 3.08 4.49
N GLU B 144 -15.41 2.97 4.20
CA GLU B 144 -14.42 3.84 4.85
C GLU B 144 -14.67 5.33 4.52
N ASN B 145 -14.90 5.63 3.25
CA ASN B 145 -15.13 7.02 2.83
C ASN B 145 -16.40 7.59 3.44
N LEU B 146 -17.47 6.79 3.44
CA LEU B 146 -18.73 7.21 4.03
C LEU B 146 -18.57 7.47 5.52
N ALA B 147 -17.91 6.56 6.22
CA ALA B 147 -17.68 6.72 7.66
C ALA B 147 -16.89 7.99 7.95
N ARG B 148 -15.88 8.27 7.14
CA ARG B 148 -15.08 9.46 7.37
C ARG B 148 -15.95 10.70 7.18
N MET B 149 -16.81 10.70 6.18
CA MET B 149 -17.70 11.84 5.96
C MET B 149 -18.63 12.03 7.15
N TYR B 150 -19.20 10.95 7.70
CA TYR B 150 -20.09 11.09 8.85
C TYR B 150 -19.31 11.55 10.08
N PHE B 151 -18.06 11.14 10.18
CA PHE B 151 -17.23 11.62 11.28
C PHE B 151 -17.03 13.15 11.17
N ASP B 152 -16.58 13.59 10.01
CA ASP B 152 -16.32 15.02 9.80
C ASP B 152 -17.58 15.87 9.91
N LYS B 153 -18.70 15.36 9.43
CA LYS B 153 -19.91 16.18 9.35
C LYS B 153 -20.73 16.14 10.63
N PHE B 154 -20.78 14.98 11.29
CA PHE B 154 -21.66 14.78 12.43
C PHE B 154 -20.98 14.35 13.72
N GLY B 155 -19.72 13.93 13.62
CA GLY B 155 -18.98 13.49 14.79
C GLY B 155 -19.10 12.00 15.07
N GLN B 156 -19.81 11.27 14.19
CA GLN B 156 -19.94 9.82 14.34
C GLN B 156 -18.57 9.16 14.39
N GLU B 157 -18.29 8.35 15.42
CA GLU B 157 -16.98 7.71 15.52
C GLU B 157 -17.00 6.26 15.03
N THR B 158 -15.97 5.86 14.28
CA THR B 158 -15.85 4.53 13.70
C THR B 158 -14.40 4.08 13.72
N ALA B 159 -14.17 2.84 14.10
CA ALA B 159 -12.86 2.23 13.87
C ALA B 159 -12.93 1.47 12.55
N LEU B 160 -12.11 1.88 11.58
CA LEU B 160 -12.09 1.24 10.26
C LEU B 160 -11.07 0.10 10.26
N VAL B 161 -11.53 -1.11 10.57
CA VAL B 161 -10.61 -2.23 10.77
C VAL B 161 -10.40 -2.99 9.47
N ARG B 162 -9.22 -2.83 8.88
CA ARG B 162 -8.91 -3.56 7.66
C ARG B 162 -8.48 -4.99 8.00
N ILE B 163 -9.46 -5.88 8.09
CA ILE B 163 -9.22 -7.25 8.54
C ILE B 163 -8.29 -7.97 7.59
N GLY B 164 -7.29 -8.66 8.17
CA GLY B 164 -6.41 -9.50 7.37
C GLY B 164 -7.08 -10.84 7.20
N SER B 165 -6.60 -11.85 7.92
CA SER B 165 -7.22 -13.18 7.90
C SER B 165 -7.63 -13.53 9.33
N CYS B 166 -8.84 -13.18 9.72
CA CYS B 166 -9.28 -13.45 11.10
CA CYS B 166 -9.32 -13.44 11.07
C CYS B 166 -9.88 -14.86 11.15
N THR B 167 -9.00 -15.81 11.43
CA THR B 167 -9.35 -17.22 11.47
C THR B 167 -8.80 -17.81 12.76
N PRO B 168 -9.14 -19.08 13.02
CA PRO B 168 -8.61 -19.72 14.23
C PRO B 168 -7.09 -19.80 14.22
N GLU B 169 -6.50 -20.24 13.12
CA GLU B 169 -5.05 -20.39 13.02
C GLU B 169 -4.56 -20.13 11.60
N PRO B 170 -3.33 -19.63 11.47
CA PRO B 170 -2.78 -19.44 10.12
C PRO B 170 -2.64 -20.80 9.45
N ASN B 171 -2.93 -20.91 8.16
CA ASN B 171 -2.77 -22.20 7.50
C ASN B 171 -2.20 -22.14 6.09
N ASN B 172 -1.65 -20.99 5.70
CA ASN B 172 -0.89 -20.88 4.46
C ASN B 172 0.17 -19.78 4.57
N TYR B 173 0.99 -19.63 3.54
CA TYR B 173 2.13 -18.72 3.64
C TYR B 173 1.69 -17.27 3.86
N ARG B 174 0.65 -16.87 3.16
CA ARG B 174 0.15 -15.50 3.27
C ARG B 174 -0.32 -15.20 4.70
N MET B 175 -0.93 -16.19 5.36
CA MET B 175 -1.45 -15.97 6.71
C MET B 175 -0.37 -15.75 7.77
N LEU B 176 0.87 -16.12 7.43
CA LEU B 176 2.00 -15.81 8.29
C LEU B 176 2.13 -14.30 8.46
N SER B 177 1.58 -13.55 7.50
CA SER B 177 1.56 -12.08 7.56
C SER B 177 0.21 -11.51 7.94
N THR B 178 -0.89 -12.13 7.46
CA THR B 178 -2.22 -11.51 7.58
C THR B 178 -3.05 -11.98 8.77
N TRP B 179 -2.63 -13.04 9.44
CA TRP B 179 -3.43 -13.63 10.51
C TRP B 179 -3.83 -12.62 11.58
N PHE B 180 -5.09 -12.67 11.97
CA PHE B 180 -5.62 -11.81 13.03
C PHE B 180 -6.33 -12.77 13.97
N SER B 181 -5.73 -13.06 15.13
CA SER B 181 -6.32 -14.05 16.04
C SER B 181 -7.65 -13.56 16.60
N HIS B 182 -8.52 -14.51 16.99
CA HIS B 182 -9.75 -14.13 17.67
C HIS B 182 -9.44 -13.28 18.91
N ASP B 183 -8.46 -13.70 19.71
CA ASP B 183 -8.14 -12.98 20.94
C ASP B 183 -7.78 -11.52 20.65
N ASP B 184 -6.99 -11.30 19.61
CA ASP B 184 -6.52 -9.95 19.29
C ASP B 184 -7.62 -9.07 18.70
N PHE B 185 -8.55 -9.67 17.97
CA PHE B 185 -9.67 -8.89 17.46
C PHE B 185 -10.56 -8.51 18.64
N VAL B 186 -10.80 -9.46 19.55
CA VAL B 186 -11.64 -9.17 20.71
C VAL B 186 -11.02 -8.05 21.55
N SER B 187 -9.71 -8.10 21.78
CA SER B 187 -9.09 -7.05 22.58
C SER B 187 -9.11 -5.72 21.85
N LEU B 188 -9.00 -5.74 20.53
CA LEU B 188 -9.12 -4.51 19.75
C LEU B 188 -10.50 -3.87 19.95
N ILE B 189 -11.55 -4.69 19.86
CA ILE B 189 -12.91 -4.21 20.05
C ILE B 189 -13.10 -3.62 21.45
N GLU B 190 -12.52 -4.27 22.45
CA GLU B 190 -12.60 -3.76 23.82
C GLU B 190 -11.93 -2.39 23.93
N ALA B 191 -10.75 -2.27 23.32
CA ALA B 191 -10.01 -1.01 23.32
C ALA B 191 -10.74 0.09 22.56
N VAL B 192 -11.39 -0.27 21.44
CA VAL B 192 -12.15 0.72 20.69
C VAL B 192 -13.29 1.30 21.53
N PHE B 193 -14.04 0.43 22.20
CA PHE B 193 -15.21 0.89 22.93
C PHE B 193 -14.87 1.60 24.24
N ARG B 194 -13.71 1.28 24.81
CA ARG B 194 -13.33 1.89 26.10
C ARG B 194 -12.76 3.31 25.93
N ALA B 195 -12.26 3.61 24.73
CA ALA B 195 -11.58 4.88 24.49
C ALA B 195 -12.49 6.09 24.69
N PRO B 196 -12.06 7.06 25.51
CA PRO B 196 -12.90 8.26 25.61
C PRO B 196 -13.04 8.97 24.26
N VAL B 197 -11.94 9.05 23.51
CA VAL B 197 -11.95 9.64 22.17
C VAL B 197 -11.38 8.66 21.16
N LEU B 198 -12.11 8.44 20.07
CA LEU B 198 -11.70 7.47 19.04
C LEU B 198 -11.37 8.17 17.73
N GLY B 199 -12.30 8.98 17.24
CA GLY B 199 -12.16 9.60 15.93
C GLY B 199 -12.63 8.63 14.86
N CYS B 200 -11.93 8.61 13.73
CA CYS B 200 -12.28 7.67 12.65
C CYS B 200 -11.01 7.00 12.11
N PRO B 201 -10.27 6.29 12.97
CA PRO B 201 -8.96 5.75 12.59
C PRO B 201 -9.02 4.53 11.68
N VAL B 202 -8.06 4.45 10.76
CA VAL B 202 -7.80 3.20 10.06
C VAL B 202 -7.00 2.29 11.00
N VAL B 203 -7.44 1.04 11.14
CA VAL B 203 -6.77 0.07 11.99
C VAL B 203 -6.42 -1.15 11.15
N TRP B 204 -5.16 -1.55 11.15
CA TRP B 204 -4.79 -2.77 10.43
C TRP B 204 -5.15 -4.00 11.26
N GLY B 205 -6.01 -4.85 10.72
CA GLY B 205 -6.52 -5.99 11.45
C GLY B 205 -5.61 -7.20 11.32
N ALA B 206 -4.55 -7.19 12.11
CA ALA B 206 -3.63 -8.31 12.14
C ALA B 206 -3.02 -8.43 13.53
N SER B 207 -2.59 -9.64 13.86
CA SER B 207 -1.92 -9.89 15.13
C SER B 207 -0.47 -9.40 15.04
N ALA B 208 0.31 -9.61 16.09
CA ALA B 208 1.69 -9.12 16.14
C ALA B 208 2.61 -10.10 15.41
N ASN B 209 2.39 -10.27 14.11
CA ASN B 209 3.12 -11.25 13.33
C ASN B 209 4.51 -10.75 12.92
N ASP B 210 5.53 -11.58 13.11
CA ASP B 210 6.88 -11.21 12.65
C ASP B 210 6.87 -10.79 11.17
N ALA B 211 6.05 -11.46 10.37
CA ALA B 211 6.04 -11.21 8.92
C ALA B 211 4.95 -10.23 8.50
N GLY B 212 4.38 -9.51 9.47
CA GLY B 212 3.32 -8.56 9.18
C GLY B 212 3.77 -7.51 8.18
N TRP B 213 2.82 -7.00 7.40
CA TRP B 213 3.10 -6.03 6.33
C TRP B 213 2.68 -4.61 6.70
N TRP B 214 2.01 -4.44 7.83
CA TRP B 214 1.29 -3.20 8.10
C TRP B 214 1.73 -2.54 9.40
N ASP B 215 1.72 -1.20 9.39
CA ASP B 215 2.22 -0.42 10.50
C ASP B 215 1.07 0.21 11.28
N ASN B 216 0.81 -0.30 12.49
CA ASN B 216 -0.23 0.26 13.36
C ASN B 216 0.30 1.27 14.39
N SER B 217 1.52 1.76 14.22
CA SER B 217 2.13 2.57 15.28
C SER B 217 1.35 3.84 15.61
N HIS B 218 0.70 4.44 14.61
CA HIS B 218 -0.01 5.69 14.85
C HIS B 218 -1.27 5.50 15.67
N LEU B 219 -1.65 4.25 15.90
CA LEU B 219 -2.82 3.92 16.71
C LEU B 219 -2.47 3.81 18.20
N GLY B 220 -1.22 4.14 18.53
CA GLY B 220 -0.73 3.99 19.89
C GLY B 220 -1.66 4.51 20.98
N PHE B 221 -2.29 5.66 20.72
CA PHE B 221 -3.16 6.28 21.72
C PHE B 221 -4.24 5.35 22.26
N LEU B 222 -4.62 4.33 21.49
CA LEU B 222 -5.67 3.40 21.91
C LEU B 222 -5.21 2.44 23.00
N GLY B 223 -3.90 2.24 23.11
CA GLY B 223 -3.37 1.30 24.08
C GLY B 223 -3.60 -0.16 23.74
N TRP B 224 -3.84 -0.45 22.47
CA TRP B 224 -4.06 -1.84 22.02
C TRP B 224 -2.79 -2.42 21.44
N LYS B 225 -2.29 -3.50 22.05
CA LYS B 225 -1.12 -4.18 21.54
C LYS B 225 -1.43 -5.65 21.36
N PRO B 226 -1.55 -6.10 20.09
CA PRO B 226 -1.90 -7.51 19.87
C PRO B 226 -0.83 -8.44 20.44
N LYS B 227 -1.25 -9.60 20.92
CA LYS B 227 -0.35 -10.48 21.65
C LYS B 227 0.02 -11.76 20.90
N ASP B 228 -0.81 -12.15 19.94
CA ASP B 228 -0.53 -13.37 19.18
C ASP B 228 0.43 -13.10 18.02
N ASN B 229 1.05 -14.16 17.51
CA ASN B 229 2.10 -14.02 16.49
C ASN B 229 2.06 -15.24 15.57
N ALA B 230 1.71 -15.02 14.30
CA ALA B 230 1.58 -16.12 13.34
C ALA B 230 2.89 -16.86 13.13
N GLU B 231 4.01 -16.21 13.41
CA GLU B 231 5.31 -16.83 13.17
C GLU B 231 5.44 -18.15 13.91
N ALA B 232 4.76 -18.26 15.05
CA ALA B 232 4.75 -19.49 15.83
C ALA B 232 4.31 -20.70 15.00
N PHE B 233 3.63 -20.43 13.88
CA PHE B 233 3.07 -21.47 13.04
C PHE B 233 3.89 -21.78 11.78
N ARG B 234 4.99 -21.06 11.55
CA ARG B 234 5.70 -21.25 10.28
C ARG B 234 6.11 -22.70 10.07
N ARG B 235 6.80 -23.25 11.06
CA ARG B 235 7.27 -24.64 10.99
C ARG B 235 6.09 -25.56 10.70
N HIS B 236 5.01 -25.38 11.44
CA HIS B 236 3.81 -26.19 11.28
C HIS B 236 3.25 -26.10 9.86
N ILE B 237 3.20 -24.90 9.31
CA ILE B 237 2.69 -24.70 7.95
C ILE B 237 3.60 -25.35 6.91
N THR B 238 4.90 -25.24 7.10
CA THR B 238 5.86 -25.89 6.22
C THR B 238 5.68 -27.41 6.25
N GLU B 239 5.41 -27.94 7.44
CA GLU B 239 5.29 -29.39 7.62
C GLU B 239 3.95 -29.97 7.14
N THR B 240 2.94 -29.13 6.97
CA THR B 240 1.61 -29.65 6.70
C THR B 240 0.95 -29.15 5.42
N THR B 241 1.68 -28.35 4.64
CA THR B 241 1.15 -27.80 3.39
C THR B 241 2.23 -27.72 2.30
N PRO B 242 1.82 -27.79 1.03
CA PRO B 242 2.80 -27.74 -0.07
C PRO B 242 3.43 -26.36 -0.19
N PRO B 243 4.69 -26.29 -0.63
CA PRO B 243 5.34 -24.98 -0.83
C PRO B 243 4.57 -24.17 -1.85
N PRO B 244 4.42 -22.85 -1.62
CA PRO B 244 3.74 -22.04 -2.64
C PRO B 244 4.63 -21.91 -3.88
N ASP B 245 4.01 -21.78 -5.04
CA ASP B 245 4.68 -21.43 -6.28
C ASP B 245 4.97 -19.93 -6.23
N PRO B 246 6.20 -19.51 -6.53
CA PRO B 246 6.56 -18.09 -6.45
C PRO B 246 5.70 -17.21 -7.38
N ASN B 247 5.07 -17.83 -8.37
CA ASN B 247 4.22 -17.09 -9.31
C ASN B 247 2.76 -16.94 -8.85
N ASP B 248 2.41 -17.61 -7.76
CA ASP B 248 1.04 -17.56 -7.23
CA ASP B 248 1.04 -17.57 -7.21
C ASP B 248 0.72 -16.21 -6.61
N ALA B 249 -0.47 -15.69 -6.91
CA ALA B 249 -0.91 -14.43 -6.31
C ALA B 249 -0.87 -14.53 -4.79
N LEU B 250 -1.01 -15.76 -4.27
CA LEU B 250 -0.97 -16.01 -2.84
C LEU B 250 0.28 -15.43 -2.17
N VAL B 251 1.39 -15.42 -2.91
CA VAL B 251 2.65 -14.91 -2.35
C VAL B 251 3.21 -13.70 -3.10
N ARG B 252 2.37 -13.04 -3.90
CA ARG B 252 2.78 -11.86 -4.65
C ARG B 252 2.02 -10.59 -4.28
N PHE B 253 0.73 -10.73 -4.02
CA PHE B 253 -0.14 -9.58 -3.76
C PHE B 253 -0.76 -9.65 -2.38
N GLN B 254 -0.92 -8.50 -1.73
CA GLN B 254 -1.45 -8.48 -0.37
C GLN B 254 -2.88 -9.03 -0.31
N GLY B 255 -3.61 -8.86 -1.41
CA GLY B 255 -4.96 -9.41 -1.50
C GLY B 255 -4.99 -10.89 -1.86
N GLY B 256 -3.83 -11.50 -2.04
CA GLY B 256 -3.78 -12.91 -2.38
C GLY B 256 -4.56 -13.22 -3.65
N THR B 257 -5.32 -14.32 -3.63
CA THR B 257 -6.01 -14.79 -4.84
C THR B 257 -7.13 -13.86 -5.33
N PHE B 258 -7.57 -12.91 -4.50
CA PHE B 258 -8.62 -11.99 -4.96
C PHE B 258 -8.20 -11.22 -6.21
N VAL B 259 -6.89 -10.98 -6.40
CA VAL B 259 -6.48 -10.26 -7.60
C VAL B 259 -6.79 -11.07 -8.86
N ASP B 260 -6.84 -12.39 -8.72
CA ASP B 260 -7.13 -13.26 -9.86
C ASP B 260 -8.63 -13.35 -10.17
N ASN B 261 -9.48 -12.83 -9.29
CA ASN B 261 -10.93 -12.86 -9.56
C ASN B 261 -11.29 -12.01 -10.77
N PRO B 262 -12.18 -12.52 -11.63
CA PRO B 262 -12.76 -11.69 -12.68
C PRO B 262 -13.84 -10.82 -12.06
N ILE B 263 -14.53 -10.01 -12.87
CA ILE B 263 -15.76 -9.38 -12.42
C ILE B 263 -16.84 -10.45 -12.51
N PHE B 264 -17.36 -10.90 -11.37
CA PHE B 264 -18.37 -11.95 -11.39
C PHE B 264 -19.71 -11.41 -11.87
N LYS B 265 -20.39 -12.19 -12.70
CA LYS B 265 -21.71 -11.83 -13.20
C LYS B 265 -22.74 -12.79 -12.61
N GLN B 266 -23.94 -12.31 -12.39
CA GLN B 266 -24.91 -13.07 -11.61
C GLN B 266 -25.31 -14.38 -12.29
N MET C 1 -6.73 16.20 -35.22
CA MET C 1 -7.64 15.32 -34.49
C MET C 1 -6.92 14.20 -33.77
N ALA C 2 -7.28 13.99 -32.51
CA ALA C 2 -6.67 12.98 -31.67
C ALA C 2 -7.22 11.56 -31.91
N MET C 3 -8.42 11.46 -32.48
CA MET C 3 -9.10 10.17 -32.57
C MET C 3 -10.33 10.22 -33.47
N LYS C 4 -10.87 9.05 -33.83
CA LYS C 4 -12.06 9.03 -34.68
C LYS C 4 -13.32 9.50 -33.96
N ARG C 5 -13.58 8.95 -32.78
CA ARG C 5 -14.80 9.30 -32.05
C ARG C 5 -14.53 9.47 -30.57
N LEU C 6 -14.92 10.63 -30.05
CA LEU C 6 -14.78 10.97 -28.63
C LEU C 6 -16.17 11.10 -28.00
N LEU C 7 -16.40 10.40 -26.90
CA LEU C 7 -17.66 10.50 -26.16
C LEU C 7 -17.56 11.56 -25.06
N VAL C 8 -18.54 12.45 -25.00
CA VAL C 8 -18.65 13.38 -23.88
C VAL C 8 -20.00 13.15 -23.20
N THR C 9 -19.98 12.58 -22.00
CA THR C 9 -21.19 12.42 -21.21
C THR C 9 -21.46 13.70 -20.42
N GLY C 10 -22.66 13.81 -19.84
CA GLY C 10 -23.05 15.02 -19.14
C GLY C 10 -23.06 16.23 -20.06
N ALA C 11 -23.30 15.98 -21.35
CA ALA C 11 -23.14 17.02 -22.37
C ALA C 11 -24.20 18.13 -22.36
N ALA C 12 -25.26 17.94 -21.58
CA ALA C 12 -26.32 18.93 -21.53
C ALA C 12 -26.12 19.94 -20.40
N GLY C 13 -25.18 19.64 -19.50
CA GLY C 13 -24.91 20.52 -18.37
C GLY C 13 -24.03 21.69 -18.76
N GLN C 14 -23.80 22.61 -17.85
CA GLN C 14 -23.06 23.83 -18.21
C GLN C 14 -21.66 23.50 -18.73
N LEU C 15 -20.92 22.67 -18.01
CA LEU C 15 -19.58 22.30 -18.45
C LEU C 15 -19.65 21.46 -19.73
N GLY C 16 -20.61 20.53 -19.77
CA GLY C 16 -20.79 19.72 -20.97
C GLY C 16 -21.01 20.56 -22.23
N ARG C 17 -21.82 21.60 -22.13
CA ARG C 17 -22.08 22.44 -23.29
C ARG C 17 -20.82 23.15 -23.78
N VAL C 18 -19.96 23.52 -22.85
CA VAL C 18 -18.69 24.14 -23.21
C VAL C 18 -17.79 23.14 -23.94
N MET C 19 -17.68 21.93 -23.39
CA MET C 19 -16.81 20.90 -23.97
C MET C 19 -17.33 20.42 -25.32
N ARG C 20 -18.64 20.41 -25.50
CA ARG C 20 -19.22 20.04 -26.78
C ARG C 20 -18.61 20.92 -27.87
N GLU C 21 -18.38 22.19 -27.54
CA GLU C 21 -17.78 23.11 -28.52
C GLU C 21 -16.26 22.99 -28.55
N ARG C 22 -15.63 23.03 -27.37
CA ARG C 22 -14.17 23.11 -27.27
C ARG C 22 -13.44 21.83 -27.66
N LEU C 23 -14.08 20.67 -27.50
CA LEU C 23 -13.40 19.41 -27.82
C LEU C 23 -13.65 18.91 -29.25
N ALA C 24 -14.50 19.62 -29.99
CA ALA C 24 -14.77 19.26 -31.38
C ALA C 24 -13.51 18.99 -32.21
N PRO C 25 -12.46 19.82 -32.05
CA PRO C 25 -11.25 19.60 -32.84
C PRO C 25 -10.48 18.31 -32.51
N MET C 26 -10.80 17.65 -31.39
CA MET C 26 -10.05 16.48 -30.96
C MET C 26 -10.45 15.18 -31.62
N ALA C 27 -11.59 15.17 -32.29
CA ALA C 27 -12.04 13.94 -32.92
C ALA C 27 -12.81 14.23 -34.19
N GLU C 28 -12.83 13.27 -35.09
CA GLU C 28 -13.67 13.39 -36.29
C GLU C 28 -15.13 13.52 -35.91
N ILE C 29 -15.59 12.66 -34.99
CA ILE C 29 -16.98 12.70 -34.54
C ILE C 29 -17.01 12.87 -33.02
N LEU C 30 -17.84 13.81 -32.56
CA LEU C 30 -18.05 13.96 -31.12
C LEU C 30 -19.42 13.35 -30.82
N ARG C 31 -19.46 12.35 -29.95
CA ARG C 31 -20.73 11.78 -29.50
C ARG C 31 -21.10 12.40 -28.14
N LEU C 32 -22.25 13.06 -28.07
CA LEU C 32 -22.68 13.70 -26.84
C LEU C 32 -23.75 12.86 -26.19
N ALA C 33 -23.71 12.73 -24.86
CA ALA C 33 -24.72 11.95 -24.14
C ALA C 33 -25.16 12.68 -22.90
N ASP C 34 -26.43 12.51 -22.53
CA ASP C 34 -26.91 13.08 -21.27
C ASP C 34 -28.23 12.41 -20.91
N LEU C 35 -28.57 12.43 -19.62
CA LEU C 35 -29.90 11.98 -19.19
C LEU C 35 -30.97 12.93 -19.74
N SER C 36 -30.62 14.22 -19.80
CA SER C 36 -31.56 15.27 -20.20
C SER C 36 -31.43 15.61 -21.68
N PRO C 37 -32.37 16.42 -22.21
CA PRO C 37 -32.40 16.71 -23.65
C PRO C 37 -31.16 17.43 -24.17
N LEU C 38 -30.71 17.04 -25.36
CA LEU C 38 -29.55 17.64 -25.99
C LEU C 38 -29.94 18.42 -27.24
N ASP C 39 -29.32 19.56 -27.48
CA ASP C 39 -29.49 20.22 -28.77
C ASP C 39 -29.12 19.21 -29.85
N PRO C 40 -29.84 19.23 -30.98
CA PRO C 40 -29.68 18.27 -32.07
C PRO C 40 -28.27 18.18 -32.59
N ALA C 41 -27.87 17.00 -33.06
CA ALA C 41 -26.53 16.78 -33.59
C ALA C 41 -26.30 17.59 -34.85
N GLY C 42 -25.17 18.27 -34.90
CA GLY C 42 -24.75 18.95 -36.11
C GLY C 42 -23.88 18.03 -36.92
N PRO C 43 -23.26 18.57 -37.98
CA PRO C 43 -22.28 17.77 -38.69
C PRO C 43 -21.18 17.40 -37.69
N ASN C 44 -20.63 16.22 -37.84
CA ASN C 44 -19.54 15.76 -36.99
C ASN C 44 -19.99 15.44 -35.57
N GLU C 45 -21.30 15.41 -35.33
CA GLU C 45 -21.83 15.07 -34.01
C GLU C 45 -22.79 13.90 -34.03
N GLU C 46 -22.84 13.16 -32.93
CA GLU C 46 -23.89 12.19 -32.66
C GLU C 46 -24.44 12.53 -31.28
N CYS C 47 -25.73 12.32 -31.05
CA CYS C 47 -26.31 12.61 -29.74
C CYS C 47 -27.13 11.42 -29.25
N VAL C 48 -26.98 11.07 -27.97
CA VAL C 48 -27.83 10.03 -27.38
C VAL C 48 -28.31 10.46 -26.00
N GLN C 49 -29.60 10.30 -25.76
CA GLN C 49 -30.16 10.66 -24.45
C GLN C 49 -30.44 9.36 -23.70
N CYS C 50 -29.72 9.15 -22.60
CA CYS C 50 -29.86 7.91 -21.84
C CYS C 50 -29.53 8.07 -20.36
N ASP C 51 -29.97 7.09 -19.58
CA ASP C 51 -29.70 7.06 -18.15
C ASP C 51 -28.50 6.16 -17.90
N LEU C 52 -27.49 6.67 -17.20
CA LEU C 52 -26.29 5.90 -16.91
C LEU C 52 -26.59 4.64 -16.11
N ALA C 53 -27.74 4.60 -15.45
CA ALA C 53 -28.10 3.44 -14.66
C ALA C 53 -28.51 2.22 -15.52
N ASP C 54 -28.71 2.46 -16.82
CA ASP C 54 -29.23 1.41 -17.71
C ASP C 54 -28.09 0.80 -18.52
N ALA C 55 -27.68 -0.41 -18.17
CA ALA C 55 -26.48 -1.01 -18.74
C ALA C 55 -26.50 -1.13 -20.27
N ASN C 56 -27.60 -1.63 -20.83
CA ASN C 56 -27.71 -1.72 -22.29
C ASN C 56 -27.49 -0.39 -22.97
N ALA C 57 -28.06 0.67 -22.41
CA ALA C 57 -27.91 2.00 -22.99
C ALA C 57 -26.47 2.51 -22.91
N VAL C 58 -25.84 2.28 -21.76
CA VAL C 58 -24.44 2.68 -21.57
C VAL C 58 -23.53 1.90 -22.53
N ASN C 59 -23.80 0.60 -22.71
CA ASN C 59 -23.06 -0.18 -23.70
C ASN C 59 -23.13 0.43 -25.10
N ALA C 60 -24.33 0.80 -25.52
CA ALA C 60 -24.52 1.41 -26.84
C ALA C 60 -23.83 2.77 -26.92
N MET C 61 -23.89 3.53 -25.84
CA MET C 61 -23.28 4.85 -25.78
C MET C 61 -21.77 4.76 -25.96
N VAL C 62 -21.14 3.76 -25.36
CA VAL C 62 -19.68 3.64 -25.38
C VAL C 62 -19.15 2.98 -26.67
N ALA C 63 -19.90 2.03 -27.20
CA ALA C 63 -19.43 1.23 -28.33
C ALA C 63 -19.00 2.12 -29.48
N GLY C 64 -17.81 1.87 -30.02
CA GLY C 64 -17.33 2.65 -31.15
C GLY C 64 -16.57 3.91 -30.77
N CYS C 65 -16.43 4.19 -29.47
CA CYS C 65 -15.72 5.40 -29.04
C CYS C 65 -14.27 5.10 -28.68
N ASP C 66 -13.38 6.00 -29.04
CA ASP C 66 -11.95 5.82 -28.80
C ASP C 66 -11.49 6.48 -27.50
N GLY C 67 -12.34 7.34 -26.95
CA GLY C 67 -12.03 8.03 -25.71
C GLY C 67 -13.32 8.52 -25.09
N ILE C 68 -13.27 8.80 -23.78
CA ILE C 68 -14.47 9.25 -23.06
C ILE C 68 -14.09 10.39 -22.13
N VAL C 69 -14.83 11.49 -22.20
CA VAL C 69 -14.73 12.52 -21.15
C VAL C 69 -16.01 12.39 -20.32
N HIS C 70 -15.88 11.84 -19.11
CA HIS C 70 -17.07 11.50 -18.32
C HIS C 70 -17.48 12.61 -17.35
N LEU C 71 -18.41 13.44 -17.79
CA LEU C 71 -18.91 14.54 -16.99
C LEU C 71 -20.30 14.24 -16.44
N GLY C 72 -20.90 13.15 -16.92
CA GLY C 72 -22.28 12.85 -16.59
C GLY C 72 -22.54 12.31 -15.18
N GLY C 73 -23.81 12.31 -14.79
CA GLY C 73 -24.20 11.88 -13.46
C GLY C 73 -24.75 13.04 -12.64
N ILE C 74 -24.72 12.90 -11.32
CA ILE C 74 -25.19 13.95 -10.43
C ILE C 74 -24.00 14.84 -10.10
N SER C 75 -24.18 16.15 -10.16
CA SER C 75 -23.05 17.07 -10.08
C SER C 75 -23.00 17.90 -8.81
N VAL C 76 -24.00 17.76 -7.94
CA VAL C 76 -24.02 18.47 -6.65
C VAL C 76 -24.58 17.56 -5.57
N GLU C 77 -24.59 18.02 -4.32
CA GLU C 77 -25.13 17.18 -3.24
C GLU C 77 -26.63 16.96 -3.45
N LYS C 78 -27.05 15.70 -3.41
CA LYS C 78 -28.46 15.32 -3.62
C LYS C 78 -28.76 14.15 -2.71
N PRO C 79 -30.04 13.77 -2.61
CA PRO C 79 -30.38 12.56 -1.86
C PRO C 79 -29.66 11.34 -2.42
N PHE C 80 -29.42 10.35 -1.55
CA PHE C 80 -28.62 9.18 -1.88
C PHE C 80 -29.16 8.42 -3.09
N GLU C 81 -30.49 8.32 -3.21
CA GLU C 81 -31.06 7.57 -4.31
C GLU C 81 -30.57 8.06 -5.69
N GLN C 82 -30.56 9.37 -5.86
CA GLN C 82 -30.14 9.96 -7.13
C GLN C 82 -28.66 9.72 -7.40
N ILE C 83 -27.85 9.93 -6.36
CA ILE C 83 -26.40 9.72 -6.44
C ILE C 83 -26.09 8.26 -6.76
N LEU C 84 -26.81 7.37 -6.11
CA LEU C 84 -26.62 5.94 -6.33
C LEU C 84 -26.77 5.58 -7.81
N GLN C 85 -27.85 6.08 -8.42
CA GLN C 85 -28.12 5.78 -9.82
C GLN C 85 -27.06 6.36 -10.76
N GLY C 86 -26.78 7.65 -10.61
CA GLY C 86 -25.95 8.34 -11.57
C GLY C 86 -24.45 8.14 -11.38
N ASN C 87 -24.01 7.98 -10.14
CA ASN C 87 -22.58 8.06 -9.83
C ASN C 87 -22.00 6.78 -9.29
N ILE C 88 -22.86 5.83 -8.93
CA ILE C 88 -22.37 4.56 -8.39
C ILE C 88 -22.70 3.45 -9.37
N ILE C 89 -23.99 3.16 -9.53
CA ILE C 89 -24.40 2.20 -10.57
C ILE C 89 -23.92 2.68 -11.93
N GLY C 90 -24.08 3.98 -12.18
CA GLY C 90 -23.70 4.54 -13.46
C GLY C 90 -22.22 4.37 -13.76
N LEU C 91 -21.38 4.49 -12.74
CA LEU C 91 -19.95 4.32 -12.91
C LEU C 91 -19.58 2.87 -13.20
N TYR C 92 -20.19 1.94 -12.47
CA TYR C 92 -19.97 0.53 -12.74
C TYR C 92 -20.36 0.23 -14.19
N ASN C 93 -21.53 0.71 -14.63
CA ASN C 93 -21.95 0.50 -16.01
C ASN C 93 -20.96 1.08 -17.03
N LEU C 94 -20.45 2.27 -16.76
CA LEU C 94 -19.48 2.89 -17.67
C LEU C 94 -18.20 2.05 -17.80
N TYR C 95 -17.66 1.60 -16.67
CA TYR C 95 -16.44 0.80 -16.70
C TYR C 95 -16.63 -0.56 -17.36
N GLU C 96 -17.77 -1.19 -17.12
CA GLU C 96 -18.08 -2.45 -17.81
C GLU C 96 -18.23 -2.25 -19.31
N ALA C 97 -18.88 -1.16 -19.72
CA ALA C 97 -19.06 -0.88 -21.14
C ALA C 97 -17.70 -0.63 -21.79
N ALA C 98 -16.86 0.16 -21.13
CA ALA C 98 -15.50 0.36 -21.63
C ALA C 98 -14.74 -0.97 -21.77
N ARG C 99 -14.85 -1.81 -20.75
CA ARG C 99 -14.12 -3.08 -20.75
C ARG C 99 -14.56 -3.97 -21.92
N ALA C 100 -15.84 -3.87 -22.28
CA ALA C 100 -16.41 -4.66 -23.38
C ALA C 100 -16.12 -4.04 -24.75
N HIS C 101 -15.57 -2.83 -24.77
CA HIS C 101 -15.39 -2.11 -26.03
C HIS C 101 -14.00 -1.50 -26.21
N GLY C 102 -12.97 -2.26 -25.89
CA GLY C 102 -11.61 -1.86 -26.24
C GLY C 102 -10.96 -0.93 -25.23
N GLN C 103 -11.57 -0.78 -24.07
CA GLN C 103 -11.02 0.05 -22.98
C GLN C 103 -10.55 1.43 -23.45
N PRO C 104 -11.47 2.21 -24.04
CA PRO C 104 -11.13 3.58 -24.44
C PRO C 104 -10.71 4.37 -23.20
N ARG C 105 -9.66 5.17 -23.35
CA ARG C 105 -9.16 5.98 -22.25
C ARG C 105 -10.22 6.95 -21.73
N ILE C 106 -10.28 7.10 -20.41
CA ILE C 106 -11.31 7.92 -19.77
C ILE C 106 -10.73 9.12 -19.02
N VAL C 107 -11.31 10.30 -19.25
CA VAL C 107 -11.09 11.45 -18.37
C VAL C 107 -12.29 11.48 -17.43
N PHE C 108 -12.06 11.22 -16.16
CA PHE C 108 -13.16 11.17 -15.19
C PHE C 108 -13.26 12.48 -14.43
N ALA C 109 -14.45 13.09 -14.42
CA ALA C 109 -14.69 14.26 -13.60
C ALA C 109 -14.88 13.85 -12.15
N SER C 110 -13.78 13.73 -11.41
CA SER C 110 -13.91 13.63 -9.96
C SER C 110 -14.12 15.05 -9.46
N SER C 111 -13.84 15.30 -8.19
CA SER C 111 -14.18 16.61 -7.61
C SER C 111 -13.31 16.93 -6.41
N ASN C 112 -13.07 18.22 -6.20
CA ASN C 112 -12.47 18.69 -4.96
C ASN C 112 -13.27 18.23 -3.76
N HIS C 113 -14.57 17.96 -3.95
CA HIS C 113 -15.41 17.53 -2.83
C HIS C 113 -15.03 16.17 -2.24
N THR C 114 -14.12 15.45 -2.90
CA THR C 114 -13.57 14.23 -2.31
C THR C 114 -12.64 14.56 -1.14
N ILE C 115 -12.17 15.79 -1.09
CA ILE C 115 -11.27 16.24 -0.02
C ILE C 115 -11.80 17.51 0.67
N GLY C 116 -13.12 17.69 0.61
CA GLY C 116 -13.76 18.94 1.01
C GLY C 116 -13.58 19.35 2.46
N TYR C 117 -13.34 18.40 3.36
CA TYR C 117 -13.20 18.74 4.79
C TYR C 117 -11.79 19.19 5.20
N TYR C 118 -10.81 19.10 4.30
CA TYR C 118 -9.49 19.67 4.62
C TYR C 118 -9.57 21.19 4.76
N PRO C 119 -8.78 21.74 5.70
CA PRO C 119 -8.70 23.19 5.86
C PRO C 119 -8.08 23.82 4.62
N GLN C 120 -8.47 25.05 4.29
CA GLN C 120 -7.90 25.72 3.12
C GLN C 120 -6.41 26.04 3.28
N THR C 121 -5.92 26.03 4.52
CA THR C 121 -4.52 26.32 4.79
C THR C 121 -3.58 25.15 4.50
N GLU C 122 -4.15 23.97 4.24
CA GLU C 122 -3.32 22.78 4.05
C GLU C 122 -3.08 22.46 2.58
N ARG C 123 -1.81 22.40 2.17
CA ARG C 123 -1.48 22.08 0.78
C ARG C 123 -1.54 20.57 0.58
N LEU C 124 -2.21 20.12 -0.49
CA LEU C 124 -2.44 18.69 -0.71
C LEU C 124 -1.71 18.13 -1.92
N GLY C 125 -1.05 17.00 -1.73
CA GLY C 125 -0.54 16.22 -2.85
C GLY C 125 -1.58 15.17 -3.24
N PRO C 126 -1.35 14.47 -4.36
CA PRO C 126 -2.35 13.53 -4.90
C PRO C 126 -2.66 12.33 -4.00
N ASP C 127 -1.77 11.99 -3.08
CA ASP C 127 -1.95 10.78 -2.27
C ASP C 127 -2.68 10.98 -0.93
N VAL C 128 -3.17 12.18 -0.65
CA VAL C 128 -3.80 12.43 0.66
C VAL C 128 -5.05 11.57 0.85
N PRO C 129 -5.31 11.12 2.09
CA PRO C 129 -6.54 10.38 2.35
C PRO C 129 -7.77 11.23 2.05
N ALA C 130 -8.81 10.61 1.53
CA ALA C 130 -10.01 11.35 1.18
C ALA C 130 -10.70 11.88 2.43
N ARG C 131 -11.29 13.06 2.33
CA ARG C 131 -12.16 13.60 3.35
C ARG C 131 -13.39 14.21 2.68
N PRO C 132 -14.26 13.35 2.15
CA PRO C 132 -15.40 13.83 1.35
C PRO C 132 -16.39 14.64 2.19
N ASP C 133 -17.01 15.63 1.56
CA ASP C 133 -17.82 16.57 2.33
C ASP C 133 -19.34 16.34 2.22
N GLY C 134 -19.71 15.20 1.64
CA GLY C 134 -21.12 14.80 1.57
C GLY C 134 -21.23 13.53 0.74
N LEU C 135 -22.46 13.14 0.40
CA LEU C 135 -22.67 11.94 -0.40
C LEU C 135 -22.13 12.06 -1.82
N TYR C 136 -22.21 13.27 -2.38
CA TYR C 136 -21.65 13.52 -3.70
C TYR C 136 -20.14 13.26 -3.68
N GLY C 137 -19.45 13.81 -2.68
CA GLY C 137 -18.03 13.58 -2.55
C GLY C 137 -17.68 12.10 -2.37
N VAL C 138 -18.44 11.41 -1.53
CA VAL C 138 -18.23 9.97 -1.33
C VAL C 138 -18.40 9.23 -2.66
N SER C 139 -19.38 9.64 -3.45
CA SER C 139 -19.64 8.98 -4.73
C SER C 139 -18.49 9.21 -5.73
N LYS C 140 -17.84 10.37 -5.67
CA LYS C 140 -16.70 10.59 -6.54
C LYS C 140 -15.49 9.77 -6.07
N CYS C 141 -15.35 9.59 -4.75
CA CYS C 141 -14.35 8.65 -4.22
C CYS C 141 -14.60 7.25 -4.77
N PHE C 142 -15.87 6.85 -4.83
CA PHE C 142 -16.21 5.53 -5.36
C PHE C 142 -15.74 5.41 -6.81
N GLY C 143 -15.97 6.45 -7.61
CA GLY C 143 -15.48 6.42 -8.99
C GLY C 143 -13.96 6.27 -9.06
N GLU C 144 -13.24 7.01 -8.22
CA GLU C 144 -11.78 6.91 -8.19
C GLU C 144 -11.32 5.50 -7.83
N ASN C 145 -11.92 4.93 -6.79
CA ASN C 145 -11.55 3.58 -6.32
C ASN C 145 -11.88 2.51 -7.36
N LEU C 146 -13.07 2.63 -7.96
CA LEU C 146 -13.46 1.71 -9.02
C LEU C 146 -12.49 1.80 -10.21
N ALA C 147 -12.19 3.03 -10.63
CA ALA C 147 -11.27 3.22 -11.76
C ALA C 147 -9.91 2.60 -11.45
N ARG C 148 -9.42 2.79 -10.22
CA ARG C 148 -8.11 2.23 -9.86
C ARG C 148 -8.14 0.70 -9.95
N MET C 149 -9.21 0.10 -9.47
CA MET C 149 -9.32 -1.36 -9.54
C MET C 149 -9.32 -1.85 -10.98
N TYR C 150 -10.06 -1.19 -11.87
CA TYR C 150 -10.07 -1.58 -13.29
C TYR C 150 -8.72 -1.36 -13.95
N PHE C 151 -7.98 -0.35 -13.48
CA PHE C 151 -6.61 -0.16 -13.97
C PHE C 151 -5.70 -1.32 -13.54
N ASP C 152 -5.66 -1.63 -12.25
CA ASP C 152 -4.81 -2.71 -11.74
C ASP C 152 -5.22 -4.08 -12.28
N LYS C 153 -6.52 -4.29 -12.44
CA LYS C 153 -7.01 -5.61 -12.86
C LYS C 153 -7.00 -5.83 -14.38
N PHE C 154 -7.31 -4.78 -15.14
CA PHE C 154 -7.51 -4.94 -16.59
C PHE C 154 -6.63 -4.02 -17.45
N GLY C 155 -5.98 -3.03 -16.82
CA GLY C 155 -5.19 -2.07 -17.56
C GLY C 155 -5.95 -0.87 -18.11
N GLN C 156 -7.24 -0.75 -17.77
CA GLN C 156 -8.03 0.41 -18.17
C GLN C 156 -7.37 1.69 -17.62
N GLU C 157 -7.11 2.66 -18.49
CA GLU C 157 -6.48 3.90 -18.04
C GLU C 157 -7.51 5.02 -17.84
N THR C 158 -7.33 5.77 -16.75
CA THR C 158 -8.25 6.87 -16.40
C THR C 158 -7.47 8.03 -15.80
N ALA C 159 -7.81 9.26 -16.20
CA ALA C 159 -7.33 10.43 -15.48
C ALA C 159 -8.40 10.82 -14.47
N LEU C 160 -8.06 10.76 -13.18
CA LEU C 160 -9.00 11.11 -12.13
C LEU C 160 -8.88 12.60 -11.85
N VAL C 161 -9.71 13.41 -12.51
CA VAL C 161 -9.53 14.85 -12.42
C VAL C 161 -10.39 15.42 -11.30
N ARG C 162 -9.76 15.83 -10.21
CA ARG C 162 -10.50 16.43 -9.10
C ARG C 162 -10.77 17.89 -9.41
N ILE C 163 -11.90 18.13 -10.07
CA ILE C 163 -12.23 19.46 -10.56
C ILE C 163 -12.43 20.46 -9.42
N GLY C 164 -11.86 21.64 -9.58
CA GLY C 164 -12.08 22.71 -8.62
C GLY C 164 -13.38 23.43 -8.96
N SER C 165 -13.28 24.65 -9.48
CA SER C 165 -14.45 25.40 -9.91
C SER C 165 -14.24 25.75 -11.38
N CYS C 166 -14.82 24.97 -12.29
CA CYS C 166 -14.61 25.21 -13.71
CA CYS C 166 -14.63 25.20 -13.71
C CYS C 166 -15.75 26.07 -14.26
N THR C 167 -15.52 27.38 -14.22
CA THR C 167 -16.50 28.39 -14.58
C THR C 167 -15.84 29.40 -15.49
N PRO C 168 -16.63 30.30 -16.08
CA PRO C 168 -16.03 31.30 -16.97
C PRO C 168 -15.00 32.16 -16.24
N GLU C 169 -15.32 32.57 -15.02
CA GLU C 169 -14.35 33.32 -14.24
C GLU C 169 -14.55 33.11 -12.74
N PRO C 170 -13.53 33.42 -11.94
CA PRO C 170 -13.70 33.33 -10.49
C PRO C 170 -14.67 34.40 -10.02
N ASN C 171 -15.57 34.08 -9.11
CA ASN C 171 -16.48 35.11 -8.62
C ASN C 171 -16.67 35.15 -7.10
N ASN C 172 -15.82 34.43 -6.37
CA ASN C 172 -15.77 34.59 -4.92
C ASN C 172 -14.37 34.25 -4.40
N TYR C 173 -14.16 34.43 -3.10
CA TYR C 173 -12.82 34.33 -2.53
C TYR C 173 -12.22 32.92 -2.70
N ARG C 174 -13.05 31.91 -2.50
CA ARG C 174 -12.60 30.53 -2.63
C ARG C 174 -12.11 30.23 -4.05
N MET C 175 -12.77 30.80 -5.05
CA MET C 175 -12.40 30.53 -6.44
C MET C 175 -11.06 31.15 -6.84
N LEU C 176 -10.52 32.06 -6.02
CA LEU C 176 -9.15 32.52 -6.25
C LEU C 176 -8.17 31.35 -6.09
N SER C 177 -8.62 30.31 -5.40
CA SER C 177 -7.80 29.11 -5.24
C SER C 177 -8.26 27.97 -6.14
N THR C 178 -9.57 27.83 -6.32
CA THR C 178 -10.11 26.64 -6.99
C THR C 178 -10.41 26.79 -8.48
N TRP C 179 -10.32 28.01 -9.02
CA TRP C 179 -10.70 28.23 -10.41
C TRP C 179 -9.94 27.32 -11.37
N PHE C 180 -10.67 26.72 -12.30
CA PHE C 180 -10.11 25.89 -13.37
C PHE C 180 -10.68 26.45 -14.65
N SER C 181 -9.87 27.17 -15.43
CA SER C 181 -10.37 27.82 -16.64
C SER C 181 -10.76 26.79 -17.70
N HIS C 182 -11.67 27.17 -18.60
CA HIS C 182 -11.99 26.33 -19.75
C HIS C 182 -10.73 25.96 -20.53
N ASP C 183 -9.91 26.95 -20.84
CA ASP C 183 -8.68 26.72 -21.61
C ASP C 183 -7.79 25.67 -20.95
N ASP C 184 -7.61 25.78 -19.63
CA ASP C 184 -6.73 24.86 -18.92
C ASP C 184 -7.32 23.44 -18.81
N PHE C 185 -8.64 23.33 -18.73
CA PHE C 185 -9.26 22.00 -18.73
C PHE C 185 -9.12 21.38 -20.12
N VAL C 186 -9.34 22.18 -21.16
CA VAL C 186 -9.15 21.68 -22.52
C VAL C 186 -7.72 21.19 -22.76
N SER C 187 -6.72 21.97 -22.34
CA SER C 187 -5.33 21.55 -22.55
C SER C 187 -4.98 20.30 -21.74
N LEU C 188 -5.54 20.16 -20.54
CA LEU C 188 -5.34 18.95 -19.75
C LEU C 188 -5.89 17.73 -20.51
N ILE C 189 -7.10 17.85 -21.03
CA ILE C 189 -7.71 16.78 -21.79
C ILE C 189 -6.86 16.40 -23.01
N GLU C 190 -6.36 17.42 -23.71
CA GLU C 190 -5.40 17.17 -24.79
C GLU C 190 -4.16 16.39 -24.31
N ALA C 191 -3.61 16.76 -23.16
CA ALA C 191 -2.40 16.11 -22.66
C ALA C 191 -2.70 14.68 -22.22
N VAL C 192 -3.89 14.45 -21.70
CA VAL C 192 -4.28 13.11 -21.26
C VAL C 192 -4.39 12.18 -22.47
N PHE C 193 -5.06 12.62 -23.51
CA PHE C 193 -5.27 11.72 -24.65
C PHE C 193 -4.03 11.47 -25.52
N ARG C 194 -3.11 12.43 -25.52
CA ARG C 194 -1.90 12.28 -26.37
C ARG C 194 -0.85 11.38 -25.72
N ALA C 195 -0.93 11.17 -24.41
CA ALA C 195 0.12 10.41 -23.70
C ALA C 195 0.16 8.95 -24.14
N PRO C 196 1.35 8.45 -24.51
CA PRO C 196 1.44 7.03 -24.84
C PRO C 196 1.02 6.18 -23.66
N VAL C 197 1.49 6.55 -22.46
CA VAL C 197 1.18 5.84 -21.23
C VAL C 197 0.61 6.84 -20.22
N LEU C 198 -0.56 6.52 -19.65
CA LEU C 198 -1.21 7.41 -18.69
C LEU C 198 -1.24 6.80 -17.28
N GLY C 199 -1.67 5.55 -17.18
CA GLY C 199 -1.89 4.93 -15.88
C GLY C 199 -3.26 5.32 -15.32
N CYS C 200 -3.32 5.52 -14.01
CA CYS C 200 -4.57 5.95 -13.37
C CYS C 200 -4.30 7.11 -12.38
N PRO C 201 -3.73 8.22 -12.87
CA PRO C 201 -3.28 9.30 -11.98
C PRO C 201 -4.40 10.19 -11.42
N VAL C 202 -4.23 10.62 -10.18
CA VAL C 202 -5.03 11.72 -9.64
C VAL C 202 -4.48 13.03 -10.21
N VAL C 203 -5.39 13.86 -10.72
CA VAL C 203 -5.02 15.15 -11.28
C VAL C 203 -5.82 16.23 -10.56
N TRP C 204 -5.12 17.24 -10.05
CA TRP C 204 -5.85 18.34 -9.42
C TRP C 204 -6.33 19.31 -10.49
N GLY C 205 -7.64 19.52 -10.56
CA GLY C 205 -8.24 20.30 -11.62
C GLY C 205 -8.31 21.78 -11.26
N ALA C 206 -7.19 22.48 -11.46
CA ALA C 206 -7.14 23.93 -11.21
C ALA C 206 -6.18 24.59 -12.18
N SER C 207 -6.41 25.88 -12.45
CA SER C 207 -5.48 26.66 -13.24
C SER C 207 -4.24 26.99 -12.38
N ALA C 208 -3.32 27.74 -12.95
CA ALA C 208 -2.07 28.07 -12.24
C ALA C 208 -2.29 29.26 -11.33
N ASN C 209 -3.12 29.06 -10.31
CA ASN C 209 -3.53 30.14 -9.42
C ASN C 209 -2.48 30.43 -8.36
N ASP C 210 -2.15 31.70 -8.14
CA ASP C 210 -1.23 32.04 -7.06
C ASP C 210 -1.72 31.44 -5.74
N ALA C 211 -3.02 31.45 -5.50
CA ALA C 211 -3.55 30.94 -4.24
C ALA C 211 -3.97 29.46 -4.28
N GLY C 212 -3.47 28.71 -5.24
CA GLY C 212 -3.79 27.29 -5.35
C GLY C 212 -3.41 26.49 -4.11
N TRP C 213 -4.19 25.46 -3.82
CA TRP C 213 -3.98 24.60 -2.65
C TRP C 213 -3.33 23.26 -2.97
N TRP C 214 -3.16 22.95 -4.25
CA TRP C 214 -2.88 21.58 -4.69
C TRP C 214 -1.60 21.44 -5.52
N ASP C 215 -0.94 20.29 -5.37
CA ASP C 215 0.36 20.01 -5.95
C ASP C 215 0.26 18.95 -7.06
N ASN C 216 0.45 19.36 -8.31
CA ASN C 216 0.45 18.44 -9.45
C ASN C 216 1.86 18.08 -9.95
N SER C 217 2.89 18.33 -9.14
CA SER C 217 4.25 18.16 -9.65
C SER C 217 4.55 16.72 -10.10
N HIS C 218 3.97 15.75 -9.42
CA HIS C 218 4.26 14.36 -9.77
C HIS C 218 3.61 13.92 -11.09
N LEU C 219 2.77 14.78 -11.66
CA LEU C 219 2.16 14.55 -12.97
C LEU C 219 3.06 15.10 -14.11
N GLY C 220 4.27 15.53 -13.75
CA GLY C 220 5.17 16.15 -14.72
C GLY C 220 5.31 15.39 -16.04
N PHE C 221 5.38 14.07 -15.97
CA PHE C 221 5.54 13.25 -17.17
C PHE C 221 4.53 13.56 -18.29
N LEU C 222 3.35 14.07 -17.93
CA LEU C 222 2.32 14.38 -18.94
C LEU C 222 2.61 15.64 -19.73
N GLY C 223 3.41 16.53 -19.17
CA GLY C 223 3.80 17.75 -19.86
C GLY C 223 2.70 18.79 -19.93
N TRP C 224 1.79 18.74 -18.96
CA TRP C 224 0.68 19.69 -18.92
C TRP C 224 0.99 20.81 -17.93
N LYS C 225 0.94 22.05 -18.41
CA LYS C 225 1.18 23.22 -17.55
C LYS C 225 0.05 24.21 -17.73
N PRO C 226 -0.83 24.35 -16.73
CA PRO C 226 -1.92 25.31 -16.90
C PRO C 226 -1.36 26.72 -17.03
N LYS C 227 -2.07 27.60 -17.73
CA LYS C 227 -1.55 28.93 -18.04
C LYS C 227 -2.36 30.08 -17.43
N ASP C 228 -3.61 29.84 -17.09
CA ASP C 228 -4.46 30.90 -16.52
C ASP C 228 -4.22 31.05 -15.01
N ASN C 229 -4.66 32.19 -14.44
CA ASN C 229 -4.36 32.50 -13.04
C ASN C 229 -5.49 33.31 -12.42
N ALA C 230 -6.19 32.74 -11.45
CA ALA C 230 -7.33 33.41 -10.83
C ALA C 230 -6.92 34.72 -10.16
N GLU C 231 -5.63 34.84 -9.82
CA GLU C 231 -5.18 35.97 -9.02
C GLU C 231 -5.53 37.29 -9.71
N ALA C 232 -5.55 37.27 -11.04
CA ALA C 232 -5.90 38.46 -11.83
C ALA C 232 -7.27 39.03 -11.45
N PHE C 233 -8.13 38.20 -10.84
CA PHE C 233 -9.49 38.61 -10.54
C PHE C 233 -9.71 39.06 -9.09
N ARG C 234 -8.65 39.06 -8.28
CA ARG C 234 -8.81 39.36 -6.86
C ARG C 234 -9.41 40.75 -6.61
N ARG C 235 -8.89 41.75 -7.29
CA ARG C 235 -9.37 43.12 -7.08
C ARG C 235 -10.85 43.20 -7.41
N HIS C 236 -11.23 42.68 -8.58
CA HIS C 236 -12.62 42.69 -8.99
C HIS C 236 -13.52 42.02 -7.96
N ILE C 237 -13.12 40.84 -7.49
CA ILE C 237 -13.91 40.14 -6.50
C ILE C 237 -14.05 40.94 -5.21
N THR C 238 -12.96 41.55 -4.77
CA THR C 238 -12.95 42.37 -3.57
C THR C 238 -13.92 43.54 -3.69
N GLU C 239 -13.92 44.19 -4.85
CA GLU C 239 -14.70 45.40 -5.07
C GLU C 239 -16.14 45.15 -5.51
N THR C 240 -16.54 43.88 -5.64
CA THR C 240 -17.87 43.58 -6.16
C THR C 240 -18.63 42.52 -5.37
N THR C 241 -18.01 41.97 -4.33
CA THR C 241 -18.69 41.00 -3.47
C THR C 241 -18.41 41.32 -2.00
N PRO C 242 -19.28 40.83 -1.10
CA PRO C 242 -19.14 41.09 0.33
C PRO C 242 -17.96 40.32 0.93
N PRO C 243 -17.18 40.99 1.78
CA PRO C 243 -16.05 40.33 2.45
C PRO C 243 -16.54 39.12 3.23
N PRO C 244 -15.86 37.98 3.10
CA PRO C 244 -16.30 36.77 3.81
C PRO C 244 -16.07 36.92 5.31
N ASP C 245 -16.98 36.35 6.10
CA ASP C 245 -16.77 36.22 7.53
C ASP C 245 -15.72 35.12 7.72
N PRO C 246 -14.76 35.33 8.62
CA PRO C 246 -13.72 34.32 8.85
C PRO C 246 -14.28 32.98 9.32
N ASN C 247 -15.51 32.97 9.84
CA ASN C 247 -16.14 31.74 10.30
C ASN C 247 -16.91 31.01 9.19
N ASP C 248 -16.98 31.63 8.01
CA ASP C 248 -17.72 31.04 6.89
C ASP C 248 -17.01 29.83 6.31
N ALA C 249 -17.77 28.76 6.06
CA ALA C 249 -17.21 27.58 5.41
C ALA C 249 -16.47 27.95 4.13
N LEU C 250 -16.96 28.97 3.43
CA LEU C 250 -16.38 29.40 2.18
C LEU C 250 -14.88 29.70 2.28
N VAL C 251 -14.43 30.14 3.45
CA VAL C 251 -13.01 30.45 3.63
C VAL C 251 -12.34 29.54 4.66
N ARG C 252 -13.03 28.49 5.07
CA ARG C 252 -12.46 27.57 6.06
C ARG C 252 -12.15 26.18 5.50
N PHE C 253 -13.00 25.68 4.62
CA PHE C 253 -12.86 24.30 4.14
C PHE C 253 -12.68 24.26 2.64
N GLN C 254 -11.89 23.32 2.15
CA GLN C 254 -11.63 23.25 0.73
C GLN C 254 -12.90 22.99 -0.08
N GLY C 255 -13.86 22.30 0.53
CA GLY C 255 -15.13 22.03 -0.14
C GLY C 255 -16.11 23.20 -0.03
N GLY C 256 -15.70 24.26 0.64
CA GLY C 256 -16.56 25.44 0.78
C GLY C 256 -17.90 25.12 1.42
N THR C 257 -18.98 25.68 0.88
CA THR C 257 -20.31 25.52 1.47
C THR C 257 -20.84 24.08 1.50
N PHE C 258 -20.24 23.16 0.73
CA PHE C 258 -20.70 21.77 0.78
C PHE C 258 -20.59 21.16 2.19
N VAL C 259 -19.62 21.60 2.98
CA VAL C 259 -19.52 21.05 4.33
C VAL C 259 -20.77 21.37 5.15
N ASP C 260 -21.41 22.49 4.83
CA ASP C 260 -22.63 22.90 5.53
C ASP C 260 -23.89 22.15 5.06
N ASN C 261 -23.79 21.40 3.97
CA ASN C 261 -24.96 20.63 3.50
C ASN C 261 -25.38 19.57 4.51
N PRO C 262 -26.69 19.41 4.72
CA PRO C 262 -27.19 18.26 5.46
C PRO C 262 -27.17 17.03 4.56
N ILE C 263 -27.63 15.89 5.07
CA ILE C 263 -27.94 14.76 4.20
C ILE C 263 -29.33 15.04 3.65
N PHE C 264 -29.43 15.32 2.35
CA PHE C 264 -30.74 15.60 1.75
C PHE C 264 -31.56 14.33 1.60
N LYS C 265 -32.87 14.43 1.81
CA LYS C 265 -33.74 13.27 1.71
C LYS C 265 -34.75 13.44 0.59
N GLN C 266 -35.18 12.33 0.00
CA GLN C 266 -36.13 12.35 -1.10
C GLN C 266 -37.55 12.55 -0.59
S SO4 D . 25.69 -33.74 -9.51
O1 SO4 D . 24.52 -34.61 -9.65
O2 SO4 D . 26.64 -34.04 -10.57
O3 SO4 D . 25.28 -32.34 -9.62
O4 SO4 D . 26.32 -33.98 -8.22
S SO4 E . 28.67 -20.36 16.97
O1 SO4 E . 29.83 -19.47 17.12
O2 SO4 E . 27.48 -19.65 17.45
O3 SO4 E . 28.54 -20.72 15.55
O4 SO4 E . 28.86 -21.57 17.76
S SO4 F . 33.91 -4.13 10.96
O1 SO4 F . 35.08 -3.42 10.45
O2 SO4 F . 32.73 -3.36 10.60
O3 SO4 F . 33.89 -5.47 10.37
O4 SO4 F . 33.98 -4.29 12.41
S SO4 G . 11.12 -4.04 -6.16
O1 SO4 G . 11.27 -3.31 -7.42
O2 SO4 G . 9.99 -3.51 -5.40
O3 SO4 G . 10.89 -5.45 -6.44
O4 SO4 G . 12.33 -3.91 -5.36
S SO4 H . -32.17 5.30 20.88
O1 SO4 H . -31.27 6.11 21.70
O2 SO4 H . -33.15 4.65 21.73
O3 SO4 H . -32.83 6.16 19.92
O4 SO4 H . -31.37 4.29 20.18
S SO4 I . -34.68 -1.21 26.44
O1 SO4 I . -33.72 -0.46 25.64
O2 SO4 I . -34.53 -0.82 27.85
O3 SO4 I . -36.03 -0.91 25.97
O4 SO4 I . -34.44 -2.64 26.33
S SO4 J . -10.36 -18.81 20.38
O1 SO4 J . -9.57 -17.70 20.92
O2 SO4 J . -11.76 -18.41 20.28
O3 SO4 J . -9.82 -19.16 19.08
O4 SO4 J . -10.24 -19.95 21.29
S SO4 K . -23.70 -16.50 -6.09
O1 SO4 K . -24.09 -15.59 -7.16
O2 SO4 K . -24.06 -15.93 -4.80
O3 SO4 K . -24.37 -17.78 -6.25
O4 SO4 K . -22.25 -16.69 -6.12
S SO4 L . -8.52 -13.50 3.19
O1 SO4 L . -7.82 -12.21 3.30
O2 SO4 L . -9.79 -13.45 3.91
O3 SO4 L . -8.77 -13.72 1.77
O4 SO4 L . -7.71 -14.58 3.76
S SO4 M . -8.64 13.61 12.67
O1 SO4 M . -9.15 14.59 11.71
O2 SO4 M . -9.50 13.60 13.85
O3 SO4 M . -8.59 12.29 12.06
O4 SO4 M . -7.28 13.99 13.08
S SO4 N . -18.16 3.68 -37.19
O1 SO4 N . -18.45 5.07 -37.57
O2 SO4 N . -19.41 3.00 -36.90
O3 SO4 N . -17.46 3.02 -38.28
O4 SO4 N . -17.31 3.66 -35.99
S SO4 O . -15.89 -1.28 -30.30
O1 SO4 O . -16.06 -0.11 -29.44
O2 SO4 O . -16.82 -1.20 -31.42
O3 SO4 O . -14.52 -1.31 -30.79
O4 SO4 O . -16.15 -2.51 -29.56
S SO4 P . -14.30 29.85 -23.54
O1 SO4 P . -14.48 30.65 -24.74
O2 SO4 P . -15.33 30.20 -22.57
O3 SO4 P . -14.40 28.43 -23.89
O4 SO4 P . -12.99 30.14 -22.95
S SO4 Q . -17.55 24.09 -6.45
O1 SO4 Q . -17.26 25.51 -6.54
O2 SO4 Q . -18.63 23.84 -5.52
O3 SO4 Q . -17.95 23.62 -7.77
O4 SO4 Q . -16.35 23.40 -6.00
S SO4 R . 1.10 3.04 -10.88
O1 SO4 R . 2.44 3.49 -10.50
O2 SO4 R . 0.12 4.02 -10.44
O3 SO4 R . 1.04 2.89 -12.33
O4 SO4 R . 0.82 1.75 -10.25
#